data_5QJZ
#
_entry.id   5QJZ
#
_cell.length_a   49.426
_cell.length_b   59.817
_cell.length_c   79.902
_cell.angle_alpha   79.610
_cell.angle_beta   81.700
_cell.angle_gamma   75.990
#
_symmetry.space_group_name_H-M   'P 1'
#
loop_
_entity.id
_entity.type
_entity.pdbx_description
1 polymer 'ADP-sugar pyrophosphatase'
2 non-polymer 'MAGNESIUM ION'
3 non-polymer 'CHLORIDE ION'
4 non-polymer (1R)-1-[4-(pyrimidin-5-yl)phenyl]ethan-1-amine
5 non-polymer 1,2-ETHANEDIOL
6 water water
#
_entity_poly.entity_id   1
_entity_poly.type   'polypeptide(L)'
_entity_poly.pdbx_seq_one_letter_code
;SMESQEPTESSQNGKQYIISEELISEGKWVKLEKTTYMDPTGKTRTWESVKRTTRKEQTADGVAVIPVLQRTLHYECIVL
VKQFRPPMGGYCIEFPAGLIDDGETPEAAALRELEEETGYKGDIAECSPAVCMDPGLSNCTIHIVTVTINGDDAENARPK
PKPGDGEFVEVISLPKNDLLQRLDALVAEEHLTVDARVYSYALALKHAN
;
_entity_poly.pdbx_strand_id   A,B,C,D
#
loop_
_chem_comp.id
_chem_comp.type
_chem_comp.name
_chem_comp.formula
CL non-polymer 'CHLORIDE ION' 'Cl -1'
EDO non-polymer 1,2-ETHANEDIOL 'C2 H6 O2'
K2V non-polymer (1R)-1-[4-(pyrimidin-5-yl)phenyl]ethan-1-amine 'C12 H13 N3'
MG non-polymer 'MAGNESIUM ION' 'Mg 2'
#
# COMPACT_ATOMS: atom_id res chain seq x y z
N LYS A 15 -44.94 12.87 -5.79
CA LYS A 15 -45.37 14.28 -6.00
C LYS A 15 -44.83 14.81 -7.34
N GLN A 16 -43.52 14.63 -7.64
CA GLN A 16 -42.95 15.12 -8.91
C GLN A 16 -43.02 14.07 -9.97
N TYR A 17 -43.19 14.52 -11.22
CA TYR A 17 -43.32 13.60 -12.35
C TYR A 17 -43.07 14.28 -13.65
N ILE A 18 -42.80 13.45 -14.65
CA ILE A 18 -42.49 13.91 -15.98
C ILE A 18 -43.80 14.25 -16.67
N ILE A 19 -43.80 15.39 -17.33
CA ILE A 19 -44.92 15.79 -18.20
C ILE A 19 -44.69 15.43 -19.66
N SER A 20 -43.55 15.84 -20.22
CA SER A 20 -43.22 15.51 -21.60
C SER A 20 -41.69 15.38 -21.78
N GLU A 21 -41.26 14.69 -22.83
CA GLU A 21 -39.84 14.67 -23.22
C GLU A 21 -39.75 14.99 -24.71
N GLU A 22 -39.13 16.11 -25.06
CA GLU A 22 -39.01 16.66 -26.41
C GLU A 22 -37.62 16.46 -26.93
N LEU A 23 -37.45 15.79 -28.08
CA LEU A 23 -36.14 15.62 -28.68
C LEU A 23 -35.55 16.98 -29.10
N ILE A 24 -34.32 17.27 -28.71
CA ILE A 24 -33.60 18.40 -29.25
C ILE A 24 -32.68 17.94 -30.39
N SER A 25 -31.89 16.89 -30.18
CA SER A 25 -30.88 16.43 -31.17
C SER A 25 -30.54 14.99 -30.89
N GLU A 26 -30.59 14.14 -31.92
CA GLU A 26 -30.28 12.71 -31.82
C GLU A 26 -29.05 12.47 -32.67
N GLY A 27 -28.04 11.84 -32.07
CA GLY A 27 -26.90 11.29 -32.79
C GLY A 27 -27.09 9.81 -32.98
N LYS A 28 -26.03 9.14 -33.41
CA LYS A 28 -26.05 7.68 -33.52
C LYS A 28 -26.06 7.04 -32.13
N TRP A 29 -25.39 7.69 -31.17
CA TRP A 29 -25.13 7.09 -29.85
C TRP A 29 -25.74 7.83 -28.64
N VAL A 30 -25.90 9.15 -28.76
CA VAL A 30 -26.37 10.01 -27.68
C VAL A 30 -27.42 10.99 -28.22
N LYS A 31 -28.47 11.23 -27.43
CA LYS A 31 -29.44 12.30 -27.70
C LYS A 31 -29.59 13.32 -26.55
N LEU A 32 -30.12 14.48 -26.90
CA LEU A 32 -30.39 15.56 -25.98
C LEU A 32 -31.90 15.87 -26.04
N GLU A 33 -32.54 15.95 -24.87
CA GLU A 33 -34.00 16.12 -24.74
C GLU A 33 -34.33 17.29 -23.84
N LYS A 34 -35.46 17.96 -24.11
CA LYS A 34 -36.06 18.94 -23.20
C LYS A 34 -37.15 18.24 -22.39
N THR A 35 -36.93 18.12 -21.09
CA THR A 35 -37.81 17.41 -20.23
C THR A 35 -38.68 18.44 -19.55
N THR A 36 -39.98 18.21 -19.57
CA THR A 36 -40.88 19.06 -18.80
C THR A 36 -41.42 18.22 -17.71
N TYR A 37 -41.34 18.78 -16.51
CA TYR A 37 -41.84 18.08 -15.32
C TYR A 37 -42.58 18.97 -14.34
N MET A 38 -43.28 18.31 -13.42
CA MET A 38 -44.05 18.99 -12.39
C MET A 38 -43.25 19.01 -11.10
N ASP A 39 -43.05 20.21 -10.55
CA ASP A 39 -42.32 20.38 -9.25
C ASP A 39 -43.30 20.18 -8.06
N PRO A 40 -42.79 20.03 -6.83
CA PRO A 40 -43.67 19.65 -5.73
C PRO A 40 -44.62 20.76 -5.28
N THR A 41 -44.35 22.02 -5.67
CA THR A 41 -45.29 23.15 -5.48
C THR A 41 -46.47 23.17 -6.50
N GLY A 42 -46.46 22.31 -7.52
CA GLY A 42 -47.51 22.27 -8.54
C GLY A 42 -47.26 23.12 -9.80
N LYS A 43 -46.03 23.59 -9.92
CA LYS A 43 -45.52 24.36 -11.02
C LYS A 43 -44.76 23.46 -12.05
N THR A 44 -45.03 23.68 -13.35
CA THR A 44 -44.23 23.17 -14.48
C THR A 44 -42.77 23.75 -14.52
N ARG A 45 -41.73 22.89 -14.61
CA ARG A 45 -40.38 23.34 -14.90
C ARG A 45 -39.75 22.46 -16.00
N THR A 46 -38.69 22.96 -16.63
CA THR A 46 -37.98 22.14 -17.60
C THR A 46 -36.50 21.83 -17.18
N TRP A 47 -35.95 20.84 -17.87
CA TRP A 47 -34.58 20.38 -17.68
C TRP A 47 -34.10 19.91 -19.05
N GLU A 48 -32.79 19.99 -19.28
CA GLU A 48 -32.16 19.35 -20.42
C GLU A 48 -31.54 18.01 -20.01
N SER A 49 -32.02 16.94 -20.64
CA SER A 49 -31.67 15.56 -20.30
C SER A 49 -30.91 14.89 -21.43
N VAL A 50 -29.86 14.15 -21.06
CA VAL A 50 -29.14 13.33 -22.02
C VAL A 50 -29.59 11.93 -21.86
N LYS A 51 -29.65 11.22 -22.96
CA LYS A 51 -29.92 9.80 -22.92
C LYS A 51 -29.07 9.10 -23.98
N ARG A 52 -28.71 7.84 -23.72
CA ARG A 52 -28.06 7.01 -24.74
C ARG A 52 -29.13 6.39 -25.68
N THR A 53 -28.80 6.29 -26.97
CA THR A 53 -29.73 5.75 -27.98
C THR A 53 -29.77 4.22 -28.01
N THR A 54 -28.82 3.56 -27.34
CA THR A 54 -28.63 2.14 -27.35
C THR A 54 -29.44 1.34 -26.32
N ARG A 55 -30.14 1.98 -25.38
CA ARG A 55 -30.84 1.20 -24.35
C ARG A 55 -32.15 0.66 -24.89
N LYS A 56 -32.40 -0.62 -24.70
CA LYS A 56 -33.56 -1.28 -25.27
C LYS A 56 -34.42 -1.79 -24.10
N GLU A 57 -34.38 -3.10 -23.86
CA GLU A 57 -35.10 -3.72 -22.74
C GLU A 57 -34.17 -4.04 -21.56
N GLN A 58 -32.90 -3.61 -21.57
CA GLN A 58 -32.02 -3.91 -20.44
C GLN A 58 -32.51 -3.17 -19.19
N THR A 59 -32.09 -3.72 -18.08
CA THR A 59 -32.37 -3.19 -16.76
C THR A 59 -31.48 -1.98 -16.46
N ALA A 60 -30.57 -1.69 -17.40
CA ALA A 60 -29.57 -0.67 -17.35
C ALA A 60 -28.81 -0.60 -18.67
N ASP A 61 -28.16 0.53 -18.90
CA ASP A 61 -27.31 0.71 -20.06
C ASP A 61 -26.07 -0.21 -20.11
N GLY A 62 -25.45 -0.40 -18.96
CA GLY A 62 -24.13 -0.97 -18.91
C GLY A 62 -23.86 -1.66 -17.56
N VAL A 63 -22.67 -2.18 -17.48
CA VAL A 63 -22.13 -2.73 -16.25
C VAL A 63 -20.75 -2.12 -16.02
N ALA A 64 -20.37 -2.02 -14.75
CA ALA A 64 -19.04 -1.78 -14.36
C ALA A 64 -18.70 -2.96 -13.42
N VAL A 65 -17.47 -3.47 -13.47
CA VAL A 65 -17.01 -4.62 -12.79
C VAL A 65 -15.99 -4.22 -11.72
N ILE A 66 -16.24 -4.71 -10.52
CA ILE A 66 -15.31 -4.54 -9.43
C ILE A 66 -14.56 -5.91 -9.37
N PRO A 67 -13.33 -5.96 -9.86
CA PRO A 67 -12.73 -7.27 -10.07
C PRO A 67 -11.64 -7.49 -9.00
N VAL A 68 -11.90 -8.42 -8.14
CA VAL A 68 -11.06 -8.67 -6.97
C VAL A 68 -10.15 -9.82 -7.26
N LEU A 69 -8.89 -9.51 -7.54
CA LEU A 69 -7.96 -10.51 -7.99
C LEU A 69 -7.40 -11.18 -6.77
N GLN A 70 -7.57 -12.51 -6.67
CA GLN A 70 -7.18 -13.28 -5.46
C GLN A 70 -6.11 -14.26 -5.76
N ARG A 71 -5.00 -14.25 -5.00
CA ARG A 71 -3.94 -15.19 -5.26
C ARG A 71 -3.33 -15.58 -3.99
N THR A 72 -2.97 -16.86 -3.92
CA THR A 72 -2.30 -17.36 -2.71
C THR A 72 -0.98 -16.58 -2.45
N LEU A 73 -0.86 -16.16 -1.24
CA LEU A 73 0.34 -15.49 -0.72
C LEU A 73 0.56 -14.12 -1.39
N HIS A 74 -0.58 -13.55 -1.85
CA HIS A 74 -0.63 -12.13 -2.39
C HIS A 74 -1.76 -11.36 -1.73
N TYR A 75 -1.54 -10.05 -1.57
CA TYR A 75 -2.57 -9.19 -1.13
C TYR A 75 -3.56 -9.12 -2.34
N GLU A 76 -4.81 -9.02 -1.97
CA GLU A 76 -5.93 -8.91 -2.99
C GLU A 76 -5.68 -7.66 -3.81
N CYS A 77 -5.91 -7.70 -5.12
CA CYS A 77 -5.76 -6.51 -6.00
C CYS A 77 -7.14 -6.21 -6.56
N ILE A 78 -7.34 -4.95 -6.85
CA ILE A 78 -8.47 -4.45 -7.64
C ILE A 78 -7.94 -4.26 -9.01
N VAL A 79 -8.63 -4.79 -10.01
CA VAL A 79 -8.15 -4.74 -11.38
C VAL A 79 -8.85 -3.57 -12.08
N LEU A 80 -8.09 -2.66 -12.64
CA LEU A 80 -8.61 -1.46 -13.27
C LEU A 80 -8.07 -1.35 -14.67
N VAL A 81 -8.70 -0.53 -15.45
CA VAL A 81 -8.28 -0.32 -16.81
C VAL A 81 -8.07 1.16 -17.05
N LYS A 82 -7.12 1.41 -17.93
CA LYS A 82 -6.72 2.80 -18.34
C LYS A 82 -6.96 2.91 -19.84
N GLN A 83 -7.76 3.88 -20.27
CA GLN A 83 -8.14 4.07 -21.62
C GLN A 83 -8.21 5.54 -21.98
N PHE A 84 -8.01 5.86 -23.26
CA PHE A 84 -8.27 7.20 -23.70
C PHE A 84 -9.78 7.35 -23.88
N ARG A 85 -10.30 8.45 -23.34
CA ARG A 85 -11.74 8.77 -23.34
C ARG A 85 -11.97 10.08 -24.10
N PRO A 86 -12.53 9.95 -25.29
CA PRO A 86 -12.60 11.18 -26.11
C PRO A 86 -13.43 12.31 -25.45
N PRO A 87 -14.50 12.00 -24.67
CA PRO A 87 -15.18 13.12 -23.98
C PRO A 87 -14.33 13.93 -23.02
N MET A 88 -13.34 13.27 -22.40
CA MET A 88 -12.48 13.84 -21.48
C MET A 88 -11.25 14.39 -22.16
N GLY A 89 -10.99 14.02 -23.42
CA GLY A 89 -9.72 14.41 -24.10
C GLY A 89 -8.43 13.94 -23.41
N GLY A 90 -8.42 12.70 -22.90
CA GLY A 90 -7.34 12.25 -22.02
C GLY A 90 -7.65 10.84 -21.50
N TYR A 91 -6.68 10.32 -20.78
CA TYR A 91 -6.68 8.98 -20.26
C TYR A 91 -7.39 8.94 -18.90
N CYS A 92 -8.15 7.86 -18.68
CA CYS A 92 -8.95 7.75 -17.47
C CYS A 92 -8.72 6.40 -16.91
N ILE A 93 -8.71 6.33 -15.58
CA ILE A 93 -8.55 5.01 -14.88
C ILE A 93 -9.93 4.65 -14.29
N GLU A 94 -10.45 3.47 -14.70
CA GLU A 94 -11.83 3.08 -14.41
C GLU A 94 -11.92 1.59 -14.07
N PHE A 95 -13.06 1.19 -13.51
CA PHE A 95 -13.45 -0.22 -13.43
C PHE A 95 -13.65 -0.69 -14.87
N PRO A 96 -13.29 -1.96 -15.20
CA PRO A 96 -13.69 -2.51 -16.47
C PRO A 96 -15.25 -2.40 -16.64
N ALA A 97 -15.72 -2.09 -17.83
CA ALA A 97 -17.08 -1.66 -18.01
C ALA A 97 -17.41 -1.67 -19.46
N GLY A 98 -18.71 -1.92 -19.73
CA GLY A 98 -19.29 -1.75 -21.06
C GLY A 98 -20.78 -1.86 -21.07
N LEU A 99 -21.34 -1.71 -22.28
CA LEU A 99 -22.74 -1.77 -22.41
C LEU A 99 -23.20 -3.24 -22.37
N ILE A 100 -24.45 -3.45 -21.98
CA ILE A 100 -25.07 -4.77 -21.86
C ILE A 100 -25.69 -4.99 -23.25
N ASP A 101 -25.35 -6.12 -23.87
CA ASP A 101 -25.89 -6.43 -25.25
C ASP A 101 -27.38 -6.76 -25.11
N ASP A 102 -28.20 -6.52 -26.15
CA ASP A 102 -29.66 -6.87 -26.05
C ASP A 102 -29.74 -8.33 -25.65
N GLY A 103 -30.53 -8.67 -24.63
CA GLY A 103 -30.77 -10.01 -24.18
C GLY A 103 -29.72 -10.62 -23.26
N GLU A 104 -28.64 -9.90 -23.05
CA GLU A 104 -27.58 -10.38 -22.20
C GLU A 104 -27.95 -10.03 -20.73
N THR A 105 -27.59 -10.88 -19.77
CA THR A 105 -27.79 -10.54 -18.38
C THR A 105 -26.69 -9.56 -17.90
N PRO A 106 -27.00 -8.76 -16.88
CA PRO A 106 -25.86 -7.94 -16.34
C PRO A 106 -24.67 -8.76 -15.94
N GLU A 107 -24.85 -9.87 -15.26
CA GLU A 107 -23.73 -10.75 -14.88
C GLU A 107 -22.91 -11.26 -16.05
N ALA A 108 -23.59 -11.74 -17.07
CA ALA A 108 -22.93 -12.13 -18.32
C ALA A 108 -22.13 -11.02 -19.00
N ALA A 109 -22.69 -9.83 -19.08
CA ALA A 109 -22.07 -8.65 -19.62
C ALA A 109 -20.78 -8.40 -18.83
N ALA A 110 -20.88 -8.50 -17.51
CA ALA A 110 -19.75 -8.19 -16.62
C ALA A 110 -18.60 -9.13 -16.86
N LEU A 111 -18.88 -10.43 -16.82
CA LEU A 111 -17.85 -11.41 -17.05
C LEU A 111 -17.29 -11.31 -18.44
N ARG A 112 -18.11 -11.04 -19.40
CA ARG A 112 -17.62 -10.85 -20.77
C ARG A 112 -16.75 -9.61 -20.93
N GLU A 113 -17.22 -8.47 -20.46
CA GLU A 113 -16.44 -7.26 -20.52
C GLU A 113 -15.12 -7.42 -19.78
N LEU A 114 -15.14 -8.02 -18.62
CA LEU A 114 -13.96 -8.23 -17.83
C LEU A 114 -12.92 -9.06 -18.61
N GLU A 115 -13.39 -10.16 -19.20
CA GLU A 115 -12.49 -10.94 -20.02
C GLU A 115 -11.94 -10.20 -21.24
N GLU A 116 -12.82 -9.51 -21.98
CA GLU A 116 -12.44 -8.73 -23.16
C GLU A 116 -11.41 -7.65 -22.84
N GLU A 117 -11.62 -6.95 -21.73
CA GLU A 117 -10.78 -5.79 -21.42
C GLU A 117 -9.49 -6.18 -20.70
N THR A 118 -9.54 -7.21 -19.90
CA THR A 118 -8.42 -7.58 -19.03
C THR A 118 -7.77 -8.92 -19.30
N GLY A 119 -8.46 -9.83 -19.96
CA GLY A 119 -8.01 -11.21 -20.06
C GLY A 119 -8.47 -12.14 -18.94
N TYR A 120 -8.90 -11.59 -17.81
CA TYR A 120 -9.22 -12.37 -16.71
C TYR A 120 -10.64 -12.97 -16.80
N LYS A 121 -10.71 -14.21 -16.30
CA LYS A 121 -11.93 -14.95 -16.18
C LYS A 121 -12.41 -15.01 -14.78
N GLY A 122 -13.43 -14.21 -14.49
CA GLY A 122 -13.96 -14.06 -13.20
C GLY A 122 -15.03 -15.01 -12.74
N ASP A 123 -15.39 -14.91 -11.48
CA ASP A 123 -16.55 -15.62 -10.87
C ASP A 123 -17.47 -14.57 -10.29
N ILE A 124 -18.75 -14.60 -10.61
CA ILE A 124 -19.71 -13.64 -10.00
C ILE A 124 -19.75 -13.74 -8.47
N ALA A 125 -19.64 -12.58 -7.79
CA ALA A 125 -19.93 -12.47 -6.35
C ALA A 125 -21.22 -11.85 -6.05
N GLU A 126 -21.50 -10.68 -6.62
CA GLU A 126 -22.74 -9.94 -6.34
C GLU A 126 -23.01 -9.02 -7.46
N CYS A 127 -24.24 -8.58 -7.51
CA CYS A 127 -24.73 -7.71 -8.59
C CYS A 127 -25.68 -6.68 -8.02
N SER A 128 -25.38 -5.40 -8.21
CA SER A 128 -26.20 -4.33 -7.70
C SER A 128 -27.49 -4.21 -8.45
N PRO A 129 -28.46 -3.51 -7.89
CA PRO A 129 -29.55 -2.94 -8.74
C PRO A 129 -28.98 -1.90 -9.66
N ALA A 130 -29.74 -1.51 -10.65
CA ALA A 130 -29.34 -0.44 -11.46
C ALA A 130 -29.17 0.83 -10.72
N VAL A 131 -28.01 1.44 -10.92
CA VAL A 131 -27.61 2.68 -10.23
C VAL A 131 -27.25 3.74 -11.26
N CYS A 132 -27.47 4.99 -10.91
CA CYS A 132 -27.32 6.10 -11.88
C CYS A 132 -25.91 6.72 -11.93
N MET A 133 -25.47 6.96 -13.16
CA MET A 133 -24.20 7.48 -13.48
C MET A 133 -24.05 8.97 -13.16
N ASP A 134 -25.06 9.77 -13.46
CA ASP A 134 -24.95 11.20 -13.27
C ASP A 134 -26.40 11.76 -13.44
N PRO A 135 -27.26 11.60 -12.42
CA PRO A 135 -28.69 11.71 -12.57
C PRO A 135 -29.16 13.13 -12.80
N GLY A 136 -28.33 14.10 -12.54
CA GLY A 136 -28.63 15.50 -12.86
C GLY A 136 -28.42 15.84 -14.32
N LEU A 137 -27.76 14.96 -15.06
CA LEU A 137 -27.45 15.11 -16.49
C LEU A 137 -28.17 14.09 -17.43
N SER A 138 -28.09 12.80 -17.11
CA SER A 138 -28.51 11.71 -17.95
C SER A 138 -29.34 10.69 -17.23
N ASN A 139 -29.99 9.84 -18.01
CA ASN A 139 -30.75 8.70 -17.48
C ASN A 139 -29.87 7.45 -17.41
N CYS A 140 -28.59 7.62 -17.59
CA CYS A 140 -27.65 6.46 -17.77
C CYS A 140 -27.53 5.73 -16.46
N THR A 141 -27.66 4.43 -16.61
CA THR A 141 -27.57 3.53 -15.48
C THR A 141 -26.60 2.36 -15.77
N ILE A 142 -26.05 1.79 -14.66
CA ILE A 142 -25.30 0.55 -14.71
C ILE A 142 -25.69 -0.41 -13.63
N HIS A 143 -25.35 -1.68 -13.80
CA HIS A 143 -25.21 -2.61 -12.65
C HIS A 143 -23.70 -2.63 -12.31
N ILE A 144 -23.38 -2.50 -11.01
CA ILE A 144 -22.05 -2.68 -10.52
C ILE A 144 -21.96 -4.13 -10.09
N VAL A 145 -21.14 -4.89 -10.77
CA VAL A 145 -20.97 -6.34 -10.54
C VAL A 145 -19.67 -6.65 -9.91
N THR A 146 -19.68 -7.22 -8.72
CA THR A 146 -18.44 -7.61 -8.01
C THR A 146 -18.12 -8.99 -8.46
N VAL A 147 -16.91 -9.25 -8.93
CA VAL A 147 -16.49 -10.48 -9.43
C VAL A 147 -15.16 -10.78 -8.77
N THR A 148 -14.97 -12.00 -8.32
CA THR A 148 -13.62 -12.47 -7.86
C THR A 148 -12.85 -13.15 -9.01
N ILE A 149 -11.53 -13.03 -9.06
CA ILE A 149 -10.72 -13.66 -10.05
C ILE A 149 -9.79 -14.58 -9.25
N ASN A 150 -9.85 -15.87 -9.55
CA ASN A 150 -8.91 -16.84 -8.95
C ASN A 150 -7.61 -16.72 -9.76
N GLY A 151 -6.66 -15.92 -9.25
CA GLY A 151 -5.42 -15.76 -10.00
C GLY A 151 -4.45 -16.95 -9.82
N ASP A 152 -4.79 -17.90 -8.98
CA ASP A 152 -4.04 -19.21 -8.97
C ASP A 152 -4.47 -20.13 -10.13
N ASP A 153 -5.63 -19.88 -10.78
CA ASP A 153 -6.11 -20.75 -11.85
C ASP A 153 -5.24 -20.50 -13.06
N ALA A 154 -4.78 -21.58 -13.68
CA ALA A 154 -3.93 -21.50 -14.87
C ALA A 154 -4.57 -20.63 -15.98
N GLU A 155 -5.91 -20.61 -16.08
CA GLU A 155 -6.59 -19.73 -17.05
C GLU A 155 -6.27 -18.23 -16.85
N ASN A 156 -5.91 -17.84 -15.64
CA ASN A 156 -5.69 -16.46 -15.27
C ASN A 156 -4.21 -16.17 -15.02
N ALA A 157 -3.33 -17.00 -15.60
CA ALA A 157 -1.89 -16.88 -15.30
C ALA A 157 -1.28 -15.76 -16.13
N ARG A 158 -1.43 -15.84 -17.45
CA ARG A 158 -0.96 -14.77 -18.33
C ARG A 158 -2.25 -14.39 -19.05
N PRO A 159 -3.07 -13.54 -18.42
CA PRO A 159 -4.30 -13.12 -19.06
C PRO A 159 -4.06 -12.33 -20.37
N LYS A 160 -4.76 -12.74 -21.45
CA LYS A 160 -4.77 -12.07 -22.77
C LYS A 160 -6.06 -11.21 -23.03
N PRO A 161 -5.97 -9.88 -22.97
CA PRO A 161 -7.14 -9.09 -23.43
C PRO A 161 -7.65 -9.51 -24.82
N LYS A 162 -8.94 -9.33 -25.03
CA LYS A 162 -9.55 -9.51 -26.34
C LYS A 162 -10.40 -8.29 -26.66
N PRO A 163 -9.76 -7.13 -26.80
CA PRO A 163 -10.53 -5.91 -27.05
C PRO A 163 -11.30 -5.93 -28.40
N GLY A 164 -12.45 -5.29 -28.43
CA GLY A 164 -13.25 -5.23 -29.67
C GLY A 164 -12.70 -4.12 -30.51
N ASP A 165 -13.34 -3.84 -31.65
CA ASP A 165 -12.81 -2.83 -32.59
C ASP A 165 -12.83 -1.45 -31.91
N GLY A 166 -11.72 -0.75 -32.01
CA GLY A 166 -11.56 0.60 -31.45
C GLY A 166 -11.39 0.67 -29.94
N GLU A 167 -11.21 -0.47 -29.30
CA GLU A 167 -11.03 -0.53 -27.85
C GLU A 167 -9.60 -0.74 -27.64
N PHE A 168 -8.98 0.11 -26.81
CA PHE A 168 -7.56 0.05 -26.54
C PHE A 168 -7.35 0.23 -25.04
N VAL A 169 -7.05 -0.87 -24.38
CA VAL A 169 -7.03 -0.89 -22.94
C VAL A 169 -5.69 -1.32 -22.34
N GLU A 170 -5.29 -0.65 -21.28
CA GLU A 170 -4.17 -1.07 -20.45
C GLU A 170 -4.79 -1.54 -19.11
N VAL A 171 -4.27 -2.63 -18.58
CA VAL A 171 -4.72 -3.17 -17.29
C VAL A 171 -3.76 -2.72 -16.21
N ILE A 172 -4.32 -2.23 -15.11
CA ILE A 172 -3.58 -1.88 -13.94
C ILE A 172 -4.15 -2.50 -12.71
N SER A 173 -3.37 -3.38 -12.10
CA SER A 173 -3.80 -4.03 -10.86
C SER A 173 -3.16 -3.45 -9.62
N LEU A 174 -3.97 -3.00 -8.68
CA LEU A 174 -3.47 -2.32 -7.44
C LEU A 174 -3.97 -2.97 -6.21
N PRO A 175 -3.11 -3.04 -5.14
CA PRO A 175 -3.57 -3.63 -3.95
C PRO A 175 -4.66 -2.97 -3.29
N LYS A 176 -5.71 -3.75 -2.95
CA LYS A 176 -6.83 -3.24 -2.25
C LYS A 176 -6.52 -2.47 -0.94
N ASN A 177 -5.50 -2.98 -0.22
CA ASN A 177 -5.12 -2.46 1.06
C ASN A 177 -4.39 -1.14 0.93
N ASP A 178 -4.08 -0.70 -0.26
CA ASP A 178 -3.41 0.66 -0.40
C ASP A 178 -4.02 1.34 -1.62
N LEU A 179 -5.31 1.07 -1.99
CA LEU A 179 -5.75 1.53 -3.29
C LEU A 179 -5.73 3.08 -3.47
N LEU A 180 -6.17 3.81 -2.49
CA LEU A 180 -6.30 5.21 -2.60
C LEU A 180 -4.88 5.83 -2.77
N GLN A 181 -3.89 5.38 -2.02
CA GLN A 181 -2.56 5.95 -2.17
C GLN A 181 -1.92 5.60 -3.47
N ARG A 182 -2.22 4.42 -4.02
CA ARG A 182 -1.69 4.04 -5.25
C ARG A 182 -2.30 4.77 -6.46
N LEU A 183 -3.58 5.06 -6.36
CA LEU A 183 -4.31 5.88 -7.31
C LEU A 183 -3.72 7.35 -7.28
N ASP A 184 -3.60 7.88 -6.09
CA ASP A 184 -2.94 9.24 -5.92
C ASP A 184 -1.52 9.23 -6.49
N ALA A 185 -0.74 8.19 -6.27
CA ALA A 185 0.58 8.12 -6.88
C ALA A 185 0.52 8.15 -8.41
N LEU A 186 -0.41 7.38 -9.02
CA LEU A 186 -0.55 7.45 -10.46
C LEU A 186 -0.97 8.81 -11.01
N VAL A 187 -1.83 9.51 -10.25
CA VAL A 187 -2.28 10.84 -10.61
C VAL A 187 -1.11 11.80 -10.45
N ALA A 188 -0.26 11.58 -9.43
CA ALA A 188 0.95 12.46 -9.26
C ALA A 188 1.92 12.31 -10.48
N GLU A 189 2.08 11.08 -11.00
CA GLU A 189 3.04 10.78 -12.08
C GLU A 189 2.68 11.18 -13.53
N GLU A 190 1.39 11.34 -13.84
CA GLU A 190 0.93 11.61 -15.21
C GLU A 190 -0.33 12.45 -15.27
N HIS A 191 -0.68 12.87 -16.48
CA HIS A 191 -1.97 13.47 -16.75
C HIS A 191 -2.97 12.34 -16.96
N LEU A 192 -3.74 12.07 -15.93
CA LEU A 192 -4.78 11.07 -16.04
C LEU A 192 -5.81 11.37 -14.97
N THR A 193 -7.07 11.04 -15.25
CA THR A 193 -8.15 11.24 -14.35
C THR A 193 -8.64 9.89 -13.82
N VAL A 194 -8.85 9.83 -12.52
CA VAL A 194 -9.48 8.65 -11.95
C VAL A 194 -11.00 8.85 -12.01
N ASP A 195 -11.67 7.78 -12.33
CA ASP A 195 -13.13 7.76 -12.28
C ASP A 195 -13.70 7.93 -10.90
N ALA A 196 -14.82 8.59 -10.83
CA ALA A 196 -15.41 8.91 -9.54
C ALA A 196 -15.90 7.68 -8.75
N ARG A 197 -16.34 6.69 -9.46
CA ARG A 197 -16.69 5.42 -8.76
C ARG A 197 -15.47 4.71 -8.21
N VAL A 198 -14.40 4.67 -8.96
CA VAL A 198 -13.16 4.08 -8.46
C VAL A 198 -12.68 4.82 -7.23
N TYR A 199 -12.73 6.16 -7.31
CA TYR A 199 -12.20 6.99 -6.21
C TYR A 199 -13.07 6.81 -4.93
N SER A 200 -14.37 6.68 -5.14
CA SER A 200 -15.34 6.52 -4.08
C SER A 200 -15.10 5.20 -3.34
N TYR A 201 -14.88 4.16 -4.14
CA TYR A 201 -14.57 2.83 -3.61
C TYR A 201 -13.23 2.84 -2.83
N ALA A 202 -12.21 3.46 -3.41
CA ALA A 202 -10.93 3.63 -2.72
C ALA A 202 -11.06 4.45 -1.44
N LEU A 203 -11.80 5.55 -1.45
CA LEU A 203 -12.05 6.30 -0.22
C LEU A 203 -12.76 5.49 0.88
N ALA A 204 -13.83 4.71 0.51
CA ALA A 204 -14.47 3.87 1.50
C ALA A 204 -13.53 2.81 2.08
N LEU A 205 -12.63 2.23 1.29
CA LEU A 205 -11.66 1.25 1.78
C LEU A 205 -10.74 1.91 2.87
N LYS A 206 -10.38 3.17 2.67
CA LYS A 206 -9.62 3.90 3.73
C LYS A 206 -10.49 4.17 4.91
N HIS A 207 -11.70 4.66 4.68
CA HIS A 207 -12.56 5.02 5.75
C HIS A 207 -13.01 3.83 6.57
N ALA A 208 -12.94 2.58 6.06
CA ALA A 208 -13.38 1.49 6.83
C ALA A 208 -12.19 1.16 7.82
N LYS B 15 -0.13 8.62 -27.06
CA LYS B 15 -0.43 8.01 -28.38
C LYS B 15 -1.76 8.57 -28.94
N GLN B 16 -2.76 8.81 -28.08
CA GLN B 16 -4.05 9.28 -28.54
C GLN B 16 -4.30 10.76 -28.21
N TYR B 17 -5.03 11.43 -29.07
CA TYR B 17 -5.31 12.83 -28.83
C TYR B 17 -6.54 13.31 -29.62
N ILE B 18 -7.07 14.46 -29.23
CA ILE B 18 -8.22 15.06 -29.88
C ILE B 18 -7.67 15.80 -31.13
N ILE B 19 -8.36 15.63 -32.24
CA ILE B 19 -8.02 16.30 -33.50
C ILE B 19 -8.90 17.55 -33.53
N SER B 20 -10.22 17.38 -33.51
CA SER B 20 -11.17 18.50 -33.47
C SER B 20 -12.50 18.12 -32.78
N GLU B 21 -13.25 19.16 -32.41
CA GLU B 21 -14.55 18.95 -31.81
C GLU B 21 -15.51 19.80 -32.65
N GLU B 22 -16.57 19.18 -33.16
CA GLU B 22 -17.66 19.84 -33.87
C GLU B 22 -18.85 20.03 -32.96
N LEU B 23 -19.24 21.27 -32.70
CA LEU B 23 -20.57 21.47 -32.07
C LEU B 23 -21.77 20.80 -32.82
N ILE B 24 -22.53 19.92 -32.16
CA ILE B 24 -23.73 19.35 -32.81
C ILE B 24 -24.97 20.12 -32.32
N SER B 25 -24.99 20.52 -31.05
CA SER B 25 -26.18 21.23 -30.48
C SER B 25 -25.86 21.76 -29.07
N GLU B 26 -26.18 23.03 -28.79
CA GLU B 26 -25.94 23.68 -27.50
C GLU B 26 -27.25 24.12 -26.94
N GLY B 27 -27.58 23.64 -25.76
CA GLY B 27 -28.71 24.14 -25.01
C GLY B 27 -28.23 25.21 -24.09
N LYS B 28 -29.07 25.57 -23.13
CA LYS B 28 -28.62 26.44 -22.08
C LYS B 28 -27.65 25.82 -21.09
N TRP B 29 -27.88 24.54 -20.73
CA TRP B 29 -27.10 23.83 -19.70
C TRP B 29 -26.15 22.75 -20.25
N VAL B 30 -26.53 22.13 -21.35
CA VAL B 30 -25.81 20.96 -21.88
C VAL B 30 -25.64 21.13 -23.35
N LYS B 31 -24.44 20.77 -23.84
CA LYS B 31 -24.17 20.64 -25.28
C LYS B 31 -23.63 19.28 -25.68
N LEU B 32 -23.85 18.95 -26.95
CA LEU B 32 -23.50 17.72 -27.58
C LEU B 32 -22.51 18.02 -28.70
N GLU B 33 -21.38 17.30 -28.73
CA GLU B 33 -20.27 17.53 -29.66
C GLU B 33 -19.87 16.27 -30.41
N LYS B 34 -19.33 16.40 -31.62
CA LYS B 34 -18.72 15.28 -32.35
C LYS B 34 -17.23 15.48 -32.21
N THR B 35 -16.55 14.53 -31.54
CA THR B 35 -15.12 14.58 -31.28
C THR B 35 -14.42 13.73 -32.28
N THR B 36 -13.39 14.32 -32.93
CA THR B 36 -12.56 13.52 -33.78
C THR B 36 -11.22 13.27 -33.05
N TYR B 37 -10.78 12.02 -33.04
CA TYR B 37 -9.52 11.69 -32.33
C TYR B 37 -8.71 10.66 -33.10
N MET B 38 -7.45 10.56 -32.71
CA MET B 38 -6.47 9.71 -33.39
C MET B 38 -6.31 8.53 -32.46
N ASP B 39 -6.65 7.37 -32.96
CA ASP B 39 -6.47 6.11 -32.25
C ASP B 39 -4.98 5.67 -32.31
N PRO B 40 -4.58 4.65 -31.52
CA PRO B 40 -3.11 4.39 -31.41
C PRO B 40 -2.49 3.81 -32.68
N THR B 41 -3.30 3.27 -33.58
CA THR B 41 -2.81 2.80 -34.87
C THR B 41 -2.42 3.95 -35.80
N GLY B 42 -3.06 5.12 -35.65
CA GLY B 42 -3.03 6.21 -36.66
C GLY B 42 -4.32 6.32 -37.45
N LYS B 43 -5.35 5.57 -37.04
CA LYS B 43 -6.68 5.66 -37.62
C LYS B 43 -7.50 6.75 -36.89
N THR B 44 -8.07 7.66 -37.68
CA THR B 44 -8.94 8.72 -37.24
C THR B 44 -10.30 8.15 -36.90
N ARG B 45 -10.85 8.52 -35.73
CA ARG B 45 -12.18 7.99 -35.25
C ARG B 45 -12.98 9.13 -34.65
N THR B 46 -14.29 8.87 -34.47
CA THR B 46 -15.19 9.87 -33.93
C THR B 46 -15.94 9.36 -32.68
N TRP B 47 -16.41 10.31 -31.87
CA TRP B 47 -17.19 10.02 -30.65
C TRP B 47 -18.26 11.08 -30.52
N GLU B 48 -19.38 10.75 -29.88
CA GLU B 48 -20.36 11.77 -29.47
C GLU B 48 -20.19 12.06 -27.98
N SER B 49 -19.72 13.27 -27.69
CA SER B 49 -19.40 13.71 -26.34
C SER B 49 -20.49 14.65 -25.84
N VAL B 50 -20.67 14.70 -24.53
CA VAL B 50 -21.52 15.68 -23.86
C VAL B 50 -20.64 16.54 -23.00
N LYS B 51 -20.98 17.81 -22.91
CA LYS B 51 -20.39 18.74 -21.97
C LYS B 51 -21.48 19.64 -21.39
N ARG B 52 -21.27 20.06 -20.15
CA ARG B 52 -22.05 21.13 -19.54
C ARG B 52 -21.51 22.46 -20.04
N THR B 53 -22.40 23.40 -20.32
CA THR B 53 -22.01 24.77 -20.75
C THR B 53 -21.54 25.65 -19.55
N THR B 54 -21.67 25.18 -18.31
CA THR B 54 -21.44 25.98 -17.12
C THR B 54 -19.97 26.02 -16.59
N ARG B 55 -19.05 25.19 -17.10
CA ARG B 55 -17.72 25.20 -16.50
C ARG B 55 -16.84 26.35 -17.02
N LYS B 56 -15.90 26.82 -16.19
CA LYS B 56 -14.79 27.71 -16.61
C LYS B 56 -13.70 26.89 -17.33
N GLN B 58 -12.60 26.70 -13.44
CA GLN B 58 -12.91 25.77 -12.36
C GLN B 58 -11.92 24.60 -12.33
N THR B 59 -11.80 24.02 -11.13
CA THR B 59 -11.10 22.75 -10.91
C THR B 59 -11.87 21.56 -11.51
N ALA B 60 -13.17 21.74 -11.72
CA ALA B 60 -14.11 20.67 -11.98
C ALA B 60 -15.50 21.31 -12.14
N ASP B 61 -16.46 20.60 -12.73
CA ASP B 61 -17.84 21.11 -12.80
C ASP B 61 -18.43 21.30 -11.39
N GLY B 62 -18.23 20.32 -10.51
CA GLY B 62 -19.02 20.14 -9.28
C GLY B 62 -18.22 19.54 -8.12
N VAL B 63 -18.91 19.48 -6.97
CA VAL B 63 -18.48 18.73 -5.80
C VAL B 63 -19.55 17.76 -5.43
N ALA B 64 -19.14 16.64 -4.85
CA ALA B 64 -20.00 15.71 -4.15
C ALA B 64 -19.39 15.57 -2.76
N VAL B 65 -20.23 15.60 -1.78
CA VAL B 65 -19.87 15.60 -0.40
C VAL B 65 -20.20 14.25 0.24
N ILE B 66 -19.20 13.64 0.83
CA ILE B 66 -19.38 12.49 1.73
C ILE B 66 -19.46 12.97 3.18
N PRO B 67 -20.68 13.06 3.70
CA PRO B 67 -20.82 13.73 4.98
C PRO B 67 -21.01 12.69 6.08
N VAL B 68 -19.99 12.55 6.91
CA VAL B 68 -19.93 11.63 7.99
C VAL B 68 -20.47 12.33 9.25
N LEU B 69 -21.70 11.97 9.63
CA LEU B 69 -22.39 12.51 10.81
C LEU B 69 -21.99 11.73 12.06
N GLN B 70 -21.25 12.43 12.92
CA GLN B 70 -20.74 11.86 14.14
C GLN B 70 -21.46 12.35 15.40
N ARG B 71 -22.09 11.45 16.15
CA ARG B 71 -22.80 11.79 17.33
C ARG B 71 -22.32 10.78 18.36
N THR B 72 -21.84 11.26 19.50
CA THR B 72 -21.46 10.31 20.50
C THR B 72 -22.64 9.42 20.93
N LEU B 73 -22.29 8.16 21.23
CA LEU B 73 -23.18 7.10 21.62
C LEU B 73 -24.20 6.69 20.55
N HIS B 74 -23.90 7.06 19.33
CA HIS B 74 -24.74 6.68 18.16
C HIS B 74 -23.85 6.05 17.12
N TYR B 75 -24.43 5.27 16.19
CA TYR B 75 -23.63 4.92 15.04
C TYR B 75 -23.29 6.15 14.21
N GLU B 76 -22.11 6.16 13.60
CA GLU B 76 -21.77 7.13 12.57
C GLU B 76 -22.72 6.90 11.41
N CYS B 77 -23.17 8.00 10.82
CA CYS B 77 -24.09 7.94 9.69
C CYS B 77 -23.46 8.69 8.50
N ILE B 78 -23.92 8.29 7.32
CA ILE B 78 -23.61 8.99 6.14
C ILE B 78 -24.86 9.73 5.78
N VAL B 79 -24.74 11.02 5.53
CA VAL B 79 -25.88 11.84 5.18
C VAL B 79 -26.13 11.90 3.69
N LEU B 80 -27.29 11.52 3.24
CA LEU B 80 -27.55 11.48 1.80
C LEU B 80 -28.78 12.30 1.50
N VAL B 81 -29.00 12.58 0.23
CA VAL B 81 -30.16 13.31 -0.16
C VAL B 81 -30.99 12.59 -1.18
N LYS B 82 -32.29 12.81 -1.16
CA LYS B 82 -33.23 12.17 -2.11
C LYS B 82 -33.90 13.32 -2.86
N GLN B 83 -33.91 13.23 -4.18
CA GLN B 83 -34.43 14.32 -5.07
C GLN B 83 -35.02 13.70 -6.32
N PHE B 84 -36.01 14.38 -6.89
CA PHE B 84 -36.54 13.99 -8.16
C PHE B 84 -35.52 14.44 -9.19
N ARG B 85 -35.16 13.53 -10.08
CA ARG B 85 -34.16 13.85 -11.11
C ARG B 85 -34.77 13.73 -12.48
N PRO B 86 -35.01 14.90 -13.11
CA PRO B 86 -35.76 14.83 -14.41
C PRO B 86 -35.07 13.98 -15.51
N PRO B 87 -33.72 13.97 -15.58
CA PRO B 87 -33.18 12.98 -16.56
C PRO B 87 -33.56 11.55 -16.26
N MET B 88 -33.74 11.19 -14.98
CA MET B 88 -34.07 9.81 -14.63
C MET B 88 -35.57 9.52 -14.64
N GLY B 89 -36.40 10.57 -14.67
CA GLY B 89 -37.86 10.44 -14.49
C GLY B 89 -38.26 9.89 -13.16
N GLY B 90 -37.39 10.09 -12.16
CA GLY B 90 -37.65 9.51 -10.87
C GLY B 90 -36.74 10.04 -9.78
N TYR B 91 -36.96 9.48 -8.60
CA TYR B 91 -36.22 9.88 -7.43
C TYR B 91 -34.90 9.06 -7.31
N CYS B 92 -33.85 9.76 -6.89
CA CYS B 92 -32.48 9.25 -6.71
C CYS B 92 -31.96 9.58 -5.34
N ILE B 93 -31.15 8.68 -4.82
CA ILE B 93 -30.48 8.83 -3.51
C ILE B 93 -29.02 9.11 -3.87
N GLU B 94 -28.50 10.26 -3.43
CA GLU B 94 -27.18 10.77 -3.79
C GLU B 94 -26.42 11.37 -2.59
N PHE B 95 -25.10 11.53 -2.75
CA PHE B 95 -24.34 12.41 -1.86
C PHE B 95 -24.82 13.85 -2.12
N PRO B 96 -24.90 14.69 -1.09
CA PRO B 96 -25.11 16.12 -1.36
C PRO B 96 -24.08 16.61 -2.35
N ALA B 97 -24.49 17.49 -3.26
CA ALA B 97 -23.69 17.82 -4.41
C ALA B 97 -24.23 19.00 -5.13
N GLY B 98 -23.30 19.77 -5.68
CA GLY B 98 -23.69 20.82 -6.62
C GLY B 98 -22.53 21.43 -7.35
N LEU B 99 -22.81 22.37 -8.24
CA LEU B 99 -21.74 23.01 -9.04
C LEU B 99 -20.92 23.95 -8.19
N ILE B 100 -19.67 24.11 -8.58
CA ILE B 100 -18.76 24.99 -7.90
C ILE B 100 -18.94 26.36 -8.55
N ASP B 101 -19.22 27.37 -7.73
CA ASP B 101 -19.44 28.76 -8.20
C ASP B 101 -18.18 29.33 -8.81
N ASP B 102 -18.33 30.20 -9.81
CA ASP B 102 -17.18 31.01 -10.32
C ASP B 102 -16.35 31.57 -9.14
N GLY B 103 -15.08 31.19 -9.04
CA GLY B 103 -14.20 31.64 -7.97
C GLY B 103 -14.37 31.01 -6.57
N GLU B 104 -15.03 29.85 -6.49
CA GLU B 104 -15.14 29.08 -5.23
C GLU B 104 -14.06 27.96 -5.23
N THR B 105 -13.50 27.69 -4.07
CA THR B 105 -12.61 26.51 -3.92
C THR B 105 -13.53 25.25 -3.76
N PRO B 106 -13.04 24.05 -4.13
CA PRO B 106 -13.92 22.86 -3.95
C PRO B 106 -14.35 22.61 -2.51
N GLU B 107 -13.41 22.77 -1.58
CA GLU B 107 -13.72 22.73 -0.13
C GLU B 107 -14.90 23.64 0.22
N ALA B 108 -14.89 24.88 -0.26
CA ALA B 108 -15.87 25.84 0.19
C ALA B 108 -17.19 25.53 -0.47
N ALA B 109 -17.16 25.03 -1.73
CA ALA B 109 -18.37 24.61 -2.44
C ALA B 109 -19.03 23.48 -1.70
N ALA B 110 -18.19 22.67 -1.09
CA ALA B 110 -18.64 21.46 -0.32
C ALA B 110 -19.40 21.82 0.96
N LEU B 111 -18.81 22.71 1.74
CA LEU B 111 -19.48 23.16 2.95
C LEU B 111 -20.77 23.93 2.66
N ARG B 112 -20.78 24.76 1.62
CA ARG B 112 -21.98 25.48 1.26
C ARG B 112 -23.02 24.54 0.76
N GLU B 113 -22.70 23.67 -0.23
CA GLU B 113 -23.73 22.73 -0.70
C GLU B 113 -24.32 21.87 0.40
N LEU B 114 -23.49 21.39 1.30
CA LEU B 114 -23.95 20.52 2.38
C LEU B 114 -24.96 21.28 3.26
N GLU B 115 -24.63 22.52 3.58
CA GLU B 115 -25.57 23.36 4.35
C GLU B 115 -26.85 23.68 3.64
N GLU B 116 -26.78 24.02 2.35
CA GLU B 116 -28.01 24.35 1.59
C GLU B 116 -28.90 23.15 1.50
N GLU B 117 -28.27 22.00 1.22
CA GLU B 117 -29.04 20.80 0.98
C GLU B 117 -29.47 20.05 2.23
N THR B 118 -28.67 20.10 3.28
CA THR B 118 -28.94 19.29 4.51
C THR B 118 -29.12 20.11 5.83
N GLY B 119 -28.72 21.39 5.81
CA GLY B 119 -28.65 22.20 7.03
C GLY B 119 -27.42 21.92 7.87
N TYR B 120 -26.59 20.90 7.58
CA TYR B 120 -25.46 20.58 8.45
C TYR B 120 -24.31 21.47 8.12
N LYS B 121 -23.55 21.80 9.16
CA LYS B 121 -22.35 22.57 9.02
C LYS B 121 -21.27 21.66 9.40
N GLY B 122 -20.30 21.45 8.50
CA GLY B 122 -19.28 20.46 8.73
C GLY B 122 -17.90 21.00 8.56
N ASP B 123 -16.95 20.09 8.70
CA ASP B 123 -15.53 20.30 8.63
C ASP B 123 -14.94 19.45 7.54
N ILE B 124 -14.02 20.05 6.78
CA ILE B 124 -13.28 19.35 5.73
C ILE B 124 -12.31 18.32 6.30
N ALA B 125 -12.46 17.05 5.88
CA ALA B 125 -11.51 16.05 6.21
C ALA B 125 -10.49 15.84 5.12
N GLU B 126 -10.94 15.68 3.89
CA GLU B 126 -10.02 15.52 2.80
C GLU B 126 -10.73 15.86 1.50
N CYS B 127 -9.98 16.02 0.42
CA CYS B 127 -10.53 16.52 -0.87
C CYS B 127 -9.88 15.74 -1.98
N SER B 128 -10.65 15.13 -2.88
CA SER B 128 -10.02 14.40 -3.97
C SER B 128 -9.47 15.34 -5.05
N PRO B 129 -8.60 14.85 -5.94
CA PRO B 129 -8.49 15.51 -7.23
C PRO B 129 -9.75 15.44 -8.05
N ALA B 130 -9.74 16.14 -9.16
CA ALA B 130 -10.89 16.13 -10.08
C ALA B 130 -11.06 14.70 -10.60
N VAL B 131 -12.28 14.17 -10.49
CA VAL B 131 -12.55 12.77 -10.88
C VAL B 131 -13.74 12.78 -11.84
N CYS B 132 -13.76 11.86 -12.79
CA CYS B 132 -14.80 11.89 -13.81
C CYS B 132 -16.09 11.19 -13.53
N MET B 133 -17.19 11.76 -14.00
CA MET B 133 -18.45 11.23 -13.76
C MET B 133 -18.86 10.06 -14.65
N ASP B 134 -18.70 10.20 -15.98
CA ASP B 134 -19.08 9.20 -16.90
C ASP B 134 -18.19 9.44 -18.12
N PRO B 135 -16.91 9.00 -18.10
CA PRO B 135 -15.96 9.48 -19.10
C PRO B 135 -16.24 8.97 -20.54
N GLY B 136 -17.01 7.86 -20.70
CA GLY B 136 -17.48 7.38 -21.99
C GLY B 136 -18.51 8.31 -22.62
N LEU B 137 -19.09 9.15 -21.81
CA LEU B 137 -20.15 10.05 -22.34
C LEU B 137 -19.81 11.51 -22.23
N SER B 138 -19.29 11.95 -21.11
CA SER B 138 -19.14 13.37 -20.85
C SER B 138 -17.83 13.77 -20.34
N ASN B 139 -17.58 15.07 -20.32
CA ASN B 139 -16.36 15.48 -19.67
C ASN B 139 -16.56 15.90 -18.21
N CYS B 140 -17.75 15.59 -17.62
CA CYS B 140 -18.10 16.08 -16.29
C CYS B 140 -17.15 15.54 -15.26
N THR B 141 -16.68 16.45 -14.40
CA THR B 141 -15.80 16.09 -13.31
C THR B 141 -16.27 16.75 -12.02
N ILE B 142 -15.90 16.09 -10.88
CA ILE B 142 -16.18 16.59 -9.54
C ILE B 142 -15.00 16.38 -8.63
N HIS B 143 -14.99 17.12 -7.51
CA HIS B 143 -14.13 16.80 -6.40
C HIS B 143 -15.05 16.11 -5.40
N ILE B 144 -14.59 14.97 -4.92
CA ILE B 144 -15.21 14.25 -3.82
C ILE B 144 -14.59 14.78 -2.53
N VAL B 145 -15.43 15.36 -1.71
CA VAL B 145 -14.98 16.04 -0.47
C VAL B 145 -15.57 15.35 0.73
N THR B 146 -14.69 14.74 1.50
CA THR B 146 -15.06 14.05 2.72
C THR B 146 -15.15 15.12 3.81
N VAL B 147 -16.25 15.11 4.56
CA VAL B 147 -16.60 16.16 5.53
C VAL B 147 -17.14 15.44 6.74
N THR B 148 -16.66 15.76 7.93
CA THR B 148 -17.30 15.25 9.14
C THR B 148 -18.20 16.29 9.74
N ILE B 149 -19.29 15.85 10.32
CA ILE B 149 -20.27 16.70 10.90
C ILE B 149 -20.34 16.36 12.39
N ASN B 150 -20.00 17.34 13.23
CA ASN B 150 -20.14 17.13 14.67
C ASN B 150 -21.57 17.28 15.03
N GLY B 151 -22.25 16.15 15.11
CA GLY B 151 -23.65 16.13 15.31
C GLY B 151 -24.00 16.58 16.76
N ASP B 152 -23.00 16.74 17.63
CA ASP B 152 -23.29 17.05 19.05
C ASP B 152 -23.20 18.55 19.28
N ASP B 153 -22.76 19.34 18.29
CA ASP B 153 -22.66 20.81 18.40
C ASP B 153 -24.02 21.41 18.22
N ALA B 154 -24.23 22.56 18.88
CA ALA B 154 -25.52 23.19 18.89
C ALA B 154 -25.92 23.59 17.46
N GLU B 155 -24.95 24.01 16.63
CA GLU B 155 -25.29 24.49 15.29
C GLU B 155 -25.89 23.36 14.40
N ASN B 156 -25.57 22.10 14.72
CA ASN B 156 -26.15 20.93 14.03
C ASN B 156 -27.28 20.29 14.75
N ALA B 157 -27.80 20.95 15.81
CA ALA B 157 -28.87 20.36 16.57
C ALA B 157 -30.17 20.23 15.77
N ARG B 158 -30.60 21.34 15.19
CA ARG B 158 -31.82 21.44 14.38
C ARG B 158 -31.31 21.99 13.03
N PRO B 159 -30.79 21.08 12.17
CA PRO B 159 -30.16 21.61 10.94
C PRO B 159 -31.14 22.44 10.07
N LYS B 160 -30.75 23.65 9.66
CA LYS B 160 -31.57 24.51 8.78
C LYS B 160 -31.19 24.41 7.27
N PRO B 161 -31.86 23.52 6.48
CA PRO B 161 -31.51 23.41 5.04
C PRO B 161 -31.88 24.70 4.31
N LYS B 162 -30.94 25.29 3.57
CA LYS B 162 -31.20 26.49 2.73
C LYS B 162 -31.26 26.21 1.18
N PRO B 163 -32.31 25.54 0.71
CA PRO B 163 -32.34 25.16 -0.67
C PRO B 163 -32.61 26.36 -1.61
N GLY B 164 -31.72 26.59 -2.58
CA GLY B 164 -31.98 27.56 -3.66
C GLY B 164 -33.25 27.25 -4.48
N ASP B 165 -33.51 28.11 -5.45
CA ASP B 165 -34.65 27.97 -6.32
C ASP B 165 -34.72 26.60 -7.07
N GLY B 166 -35.88 25.97 -7.02
CA GLY B 166 -36.14 24.70 -7.71
C GLY B 166 -35.41 23.42 -7.23
N GLU B 167 -34.77 23.49 -6.05
CA GLU B 167 -34.22 22.32 -5.36
C GLU B 167 -35.21 21.87 -4.34
N PHE B 168 -35.48 20.57 -4.34
CA PHE B 168 -36.44 19.99 -3.39
C PHE B 168 -35.84 18.71 -2.89
N VAL B 169 -35.28 18.83 -1.69
CA VAL B 169 -34.34 17.85 -1.13
C VAL B 169 -34.84 17.20 0.16
N GLU B 170 -34.85 15.88 0.22
CA GLU B 170 -35.11 15.15 1.45
C GLU B 170 -33.79 14.58 1.93
N VAL B 171 -33.58 14.63 3.24
CA VAL B 171 -32.32 14.28 3.82
C VAL B 171 -32.53 12.89 4.40
N ILE B 172 -31.63 11.97 4.07
CA ILE B 172 -31.75 10.59 4.56
C ILE B 172 -30.40 10.23 5.14
N SER B 173 -30.34 10.00 6.47
CA SER B 173 -29.10 9.55 7.12
C SER B 173 -29.06 8.09 7.40
N LEU B 174 -27.98 7.41 7.00
CA LEU B 174 -27.95 5.99 7.15
C LEU B 174 -26.70 5.59 7.87
N PRO B 175 -26.78 4.53 8.71
CA PRO B 175 -25.58 4.17 9.37
C PRO B 175 -24.47 3.71 8.44
N LYS B 176 -23.24 4.24 8.63
CA LYS B 176 -22.07 3.89 7.84
C LYS B 176 -21.78 2.36 7.89
N ASN B 177 -21.92 1.74 9.08
CA ASN B 177 -21.57 0.30 9.25
C ASN B 177 -22.50 -0.71 8.60
N ASP B 178 -23.67 -0.27 8.12
CA ASP B 178 -24.60 -1.13 7.45
C ASP B 178 -25.07 -0.46 6.11
N LEU B 179 -24.23 0.41 5.51
CA LEU B 179 -24.71 1.32 4.47
C LEU B 179 -25.34 0.55 3.31
N LEU B 180 -24.61 -0.44 2.82
CA LEU B 180 -25.08 -1.13 1.65
C LEU B 180 -26.46 -1.83 1.83
N GLN B 181 -26.63 -2.56 2.96
CA GLN B 181 -27.91 -3.24 3.30
C GLN B 181 -29.07 -2.25 3.45
N ARG B 182 -28.75 -1.09 4.05
CA ARG B 182 -29.78 -0.05 4.16
C ARG B 182 -30.18 0.58 2.85
N LEU B 183 -29.23 0.73 1.92
CA LEU B 183 -29.60 1.24 0.62
C LEU B 183 -30.41 0.21 -0.19
N ASP B 184 -29.91 -1.00 -0.17
CA ASP B 184 -30.64 -2.13 -0.83
C ASP B 184 -32.09 -2.20 -0.32
N ALA B 185 -32.27 -2.01 0.98
CA ALA B 185 -33.62 -1.97 1.58
C ALA B 185 -34.48 -0.82 1.08
N LEU B 186 -33.89 0.39 0.98
CA LEU B 186 -34.63 1.49 0.35
C LEU B 186 -35.05 1.30 -1.08
N VAL B 187 -34.15 0.76 -1.89
CA VAL B 187 -34.48 0.38 -3.26
C VAL B 187 -35.62 -0.65 -3.34
N ALA B 188 -35.57 -1.67 -2.48
CA ALA B 188 -36.56 -2.76 -2.50
C ALA B 188 -37.97 -2.23 -2.13
N GLU B 189 -38.03 -1.24 -1.26
CA GLU B 189 -39.25 -0.79 -0.66
C GLU B 189 -39.82 0.44 -1.35
N GLU B 190 -38.97 1.31 -1.87
CA GLU B 190 -39.35 2.69 -2.19
C GLU B 190 -39.20 3.10 -3.68
N HIS B 191 -38.84 2.19 -4.58
CA HIS B 191 -38.62 2.48 -6.06
C HIS B 191 -37.78 3.75 -6.36
N LEU B 192 -36.62 3.78 -5.72
CA LEU B 192 -35.63 4.80 -5.84
C LEU B 192 -34.44 4.22 -6.65
N THR B 193 -33.64 5.07 -7.26
CA THR B 193 -32.36 4.68 -7.86
C THR B 193 -31.23 5.26 -6.99
N VAL B 194 -30.31 4.40 -6.55
CA VAL B 194 -29.15 4.88 -5.88
C VAL B 194 -28.06 5.31 -6.86
N ASP B 195 -27.36 6.39 -6.53
CA ASP B 195 -26.27 6.88 -7.22
C ASP B 195 -25.05 5.96 -7.20
N ALA B 196 -24.38 5.85 -8.34
CA ALA B 196 -23.33 4.89 -8.47
C ALA B 196 -22.14 5.14 -7.58
N ARG B 197 -21.84 6.43 -7.31
CA ARG B 197 -20.80 6.70 -6.41
C ARG B 197 -21.15 6.30 -4.96
N VAL B 198 -22.37 6.59 -4.54
CA VAL B 198 -22.90 6.16 -3.26
C VAL B 198 -22.79 4.63 -3.11
N TYR B 199 -23.25 3.94 -4.13
CA TYR B 199 -23.24 2.49 -4.11
C TYR B 199 -21.79 1.93 -4.05
N SER B 200 -20.90 2.52 -4.80
CA SER B 200 -19.53 2.12 -4.83
C SER B 200 -18.86 2.25 -3.49
N TYR B 201 -19.17 3.37 -2.85
CA TYR B 201 -18.67 3.66 -1.49
C TYR B 201 -19.22 2.61 -0.50
N ALA B 202 -20.51 2.35 -0.56
CA ALA B 202 -21.16 1.39 0.30
C ALA B 202 -20.60 -0.02 0.12
N LEU B 203 -20.36 -0.40 -1.12
CA LEU B 203 -19.78 -1.67 -1.44
C LEU B 203 -18.40 -1.83 -0.84
N ALA B 204 -17.53 -0.83 -1.02
CA ALA B 204 -16.18 -0.91 -0.48
C ALA B 204 -16.16 -0.96 1.06
N LEU B 205 -17.15 -0.34 1.72
CA LEU B 205 -17.23 -0.41 3.20
C LEU B 205 -17.44 -1.88 3.62
N LYS B 206 -18.29 -2.59 2.87
CA LYS B 206 -18.40 -4.06 3.08
C LYS B 206 -17.17 -4.87 2.62
N HIS B 207 -16.55 -4.55 1.49
CA HIS B 207 -15.44 -5.30 0.99
C HIS B 207 -14.09 -5.09 1.79
N ALA B 208 -13.99 -4.00 2.55
CA ALA B 208 -12.76 -3.75 3.26
C ALA B 208 -12.41 -4.84 4.27
N ASN B 209 -11.10 -4.94 4.53
CA ASN B 209 -10.51 -5.79 5.58
C ASN B 209 -10.73 -7.27 5.29
N GLN C 16 3.42 -23.60 2.74
CA GLN C 16 3.77 -23.99 4.15
C GLN C 16 2.98 -23.09 5.09
N TYR C 17 2.63 -23.59 6.28
CA TYR C 17 1.84 -22.81 7.23
C TYR C 17 2.02 -23.37 8.62
N ILE C 18 1.70 -22.53 9.60
CA ILE C 18 1.90 -22.85 11.02
C ILE C 18 0.72 -23.66 11.49
N ILE C 19 0.99 -24.81 12.13
CA ILE C 19 -0.06 -25.63 12.76
C ILE C 19 -0.30 -25.24 14.24
N SER C 20 0.73 -24.85 14.98
CA SER C 20 0.61 -24.67 16.43
C SER C 20 1.85 -24.02 17.03
N GLU C 21 1.64 -23.05 17.91
CA GLU C 21 2.71 -22.45 18.73
C GLU C 21 2.57 -22.86 20.23
N GLU C 22 3.23 -23.97 20.55
CA GLU C 22 3.37 -24.47 21.92
C GLU C 22 4.37 -23.60 22.67
N LEU C 23 4.07 -23.29 23.94
CA LEU C 23 4.89 -22.38 24.77
C LEU C 23 5.81 -23.10 25.77
N ILE C 24 7.12 -22.85 25.69
CA ILE C 24 8.10 -23.49 26.60
C ILE C 24 8.39 -22.65 27.87
N SER C 25 9.15 -21.57 27.73
CA SER C 25 9.42 -20.69 28.88
C SER C 25 9.06 -19.23 28.58
N GLU C 26 8.37 -18.60 29.51
CA GLU C 26 7.92 -17.22 29.31
C GLU C 26 8.46 -16.30 30.40
N GLY C 27 9.52 -15.55 30.08
CA GLY C 27 10.13 -14.60 31.02
C GLY C 27 9.41 -13.27 30.96
N LYS C 28 10.00 -12.26 31.61
CA LYS C 28 9.44 -10.91 31.68
C LYS C 28 9.76 -10.05 30.45
N TRP C 29 10.69 -10.49 29.62
CA TRP C 29 11.10 -9.71 28.44
C TRP C 29 11.03 -10.54 27.16
N VAL C 30 11.37 -11.81 27.26
CA VAL C 30 11.38 -12.69 26.09
C VAL C 30 10.70 -14.01 26.41
N LYS C 31 10.30 -14.74 25.38
CA LYS C 31 9.66 -16.05 25.55
C LYS C 31 10.32 -17.01 24.62
N LEU C 32 9.93 -18.28 24.73
CA LEU C 32 10.43 -19.35 23.87
C LEU C 32 9.25 -20.22 23.48
N GLU C 33 9.33 -20.91 22.35
CA GLU C 33 8.21 -21.68 21.85
C GLU C 33 8.64 -22.86 21.00
N LYS C 34 7.80 -23.89 20.98
CA LYS C 34 7.95 -25.04 20.03
C LYS C 34 6.92 -24.69 18.94
N THR C 35 7.31 -24.76 17.67
CA THR C 35 6.44 -24.33 16.57
C THR C 35 6.21 -25.56 15.73
N THR C 36 4.97 -25.87 15.32
CA THR C 36 4.79 -27.04 14.41
C THR C 36 4.17 -26.53 13.10
N TYR C 37 4.62 -27.07 11.95
CA TYR C 37 4.33 -26.45 10.66
C TYR C 37 4.31 -27.51 9.55
N MET C 38 3.49 -27.33 8.52
CA MET C 38 3.52 -28.20 7.31
C MET C 38 4.58 -27.74 6.35
N ASP C 39 5.49 -28.64 6.00
CA ASP C 39 6.43 -28.37 4.91
C ASP C 39 5.70 -28.42 3.58
N PRO C 40 6.44 -28.20 2.46
CA PRO C 40 5.86 -28.11 1.13
C PRO C 40 5.41 -29.48 0.52
N THR C 41 6.15 -30.55 0.80
CA THR C 41 5.81 -31.91 0.34
C THR C 41 4.65 -32.58 1.12
N GLY C 42 4.15 -31.96 2.21
CA GLY C 42 3.12 -32.53 3.10
C GLY C 42 3.61 -33.02 4.47
N LYS C 43 4.92 -33.21 4.63
CA LYS C 43 5.48 -33.61 5.92
C LYS C 43 5.36 -32.48 6.98
N THR C 44 4.60 -32.80 8.03
CA THR C 44 4.55 -32.05 9.30
C THR C 44 5.97 -31.98 9.93
N ARG C 45 6.41 -30.81 10.41
CA ARG C 45 7.77 -30.65 10.99
C ARG C 45 7.75 -29.72 12.14
N THR C 46 8.88 -29.58 12.85
CA THR C 46 8.92 -28.74 14.06
C THR C 46 10.17 -27.77 14.12
N TRP C 47 10.14 -26.78 15.00
CA TRP C 47 11.19 -25.70 15.09
C TRP C 47 11.15 -25.05 16.47
N GLU C 48 12.30 -24.68 17.06
CA GLU C 48 12.32 -23.84 18.29
C GLU C 48 12.35 -22.29 17.92
N SER C 49 11.35 -21.53 18.37
CA SER C 49 11.09 -20.12 17.97
C SER C 49 11.11 -19.16 19.18
N VAL C 50 11.69 -17.96 19.02
CA VAL C 50 11.74 -16.95 20.06
C VAL C 50 10.91 -15.72 19.66
N LYS C 51 10.27 -15.08 20.63
CA LYS C 51 9.36 -13.94 20.45
C LYS C 51 9.58 -13.08 21.69
N ARG C 52 9.70 -11.78 21.51
CA ARG C 52 9.73 -10.85 22.64
C ARG C 52 8.32 -10.71 23.16
N THR C 53 8.17 -10.36 24.43
CA THR C 53 6.85 -10.27 25.07
C THR C 53 6.26 -8.85 25.15
N THR C 54 6.93 -7.90 24.48
CA THR C 54 6.66 -6.48 24.61
C THR C 54 5.84 -5.96 23.38
N ARG C 55 5.65 -6.80 22.35
CA ARG C 55 5.05 -6.41 21.04
C ARG C 55 3.52 -6.41 21.05
N LYS C 56 2.90 -5.25 20.76
CA LYS C 56 1.43 -5.09 20.68
C LYS C 56 0.92 -5.21 19.24
N GLN C 58 1.08 -2.11 17.37
CA GLN C 58 2.50 -2.06 17.14
C GLN C 58 2.81 -2.81 15.82
N THR C 59 3.43 -2.09 14.88
CA THR C 59 3.84 -2.65 13.56
C THR C 59 4.97 -3.66 13.76
N ALA C 60 6.01 -3.16 14.41
CA ALA C 60 7.22 -3.86 14.67
C ALA C 60 7.57 -3.69 16.14
N ASP C 61 8.51 -4.50 16.59
CA ASP C 61 9.00 -4.42 17.92
C ASP C 61 9.71 -3.08 18.09
N GLY C 62 10.54 -2.74 17.11
CA GLY C 62 11.43 -1.57 17.32
C GLY C 62 11.82 -0.87 16.07
N VAL C 63 12.66 0.15 16.27
CA VAL C 63 13.22 0.85 15.14
C VAL C 63 14.75 0.88 15.30
N ALA C 64 15.41 0.94 14.16
CA ALA C 64 16.83 1.17 14.06
C ALA C 64 16.98 2.42 13.18
N VAL C 65 17.84 3.33 13.56
CA VAL C 65 17.91 4.59 12.94
C VAL C 65 19.24 4.67 12.24
N ILE C 66 19.23 4.97 10.95
CA ILE C 66 20.39 5.16 10.16
C ILE C 66 20.61 6.72 10.14
N PRO C 67 21.53 7.27 11.01
CA PRO C 67 21.55 8.70 11.17
C PRO C 67 22.67 9.34 10.40
N VAL C 68 22.33 10.05 9.40
CA VAL C 68 23.26 10.59 8.47
C VAL C 68 23.48 12.04 8.90
N LEU C 69 24.65 12.25 9.48
CA LEU C 69 25.14 13.60 9.88
C LEU C 69 25.69 14.40 8.72
N GLN C 70 25.01 15.45 8.36
CA GLN C 70 25.28 16.22 7.21
C GLN C 70 25.83 17.55 7.65
N ARG C 71 26.94 17.95 7.07
CA ARG C 71 27.59 19.30 7.38
C ARG C 71 28.11 19.97 6.16
N THR C 72 28.01 21.29 6.09
CA THR C 72 28.38 22.03 4.91
C THR C 72 29.77 21.69 4.42
N LEU C 73 30.69 21.58 5.37
CA LEU C 73 32.10 21.46 5.10
C LEU C 73 32.67 20.11 4.97
N HIS C 74 31.87 19.05 5.26
CA HIS C 74 32.40 17.74 5.43
C HIS C 74 31.62 16.70 4.62
N TYR C 75 32.28 15.60 4.41
CA TYR C 75 31.54 14.39 3.93
C TYR C 75 30.61 13.91 5.01
N GLU C 76 29.62 13.13 4.61
CA GLU C 76 28.61 12.66 5.56
C GLU C 76 29.24 11.70 6.53
N CYS C 77 28.74 11.69 7.78
CA CYS C 77 29.05 10.69 8.74
C CYS C 77 27.82 9.87 9.05
N ILE C 78 28.07 8.64 9.47
CA ILE C 78 27.04 7.73 9.96
C ILE C 78 27.23 7.75 11.49
N VAL C 79 26.17 8.10 12.25
CA VAL C 79 26.24 8.17 13.76
C VAL C 79 25.89 6.79 14.31
N LEU C 80 26.78 6.18 15.09
CA LEU C 80 26.54 4.85 15.66
C LEU C 80 26.72 4.97 17.18
N VAL C 81 26.23 3.95 17.86
CA VAL C 81 26.33 3.85 19.32
C VAL C 81 27.02 2.58 19.71
N LYS C 82 27.85 2.70 20.75
CA LYS C 82 28.51 1.56 21.35
C LYS C 82 27.99 1.42 22.77
N GLN C 83 27.64 0.21 23.09
CA GLN C 83 27.08 -0.09 24.35
C GLN C 83 27.36 -1.54 24.74
N PHE C 84 27.43 -1.74 26.05
CA PHE C 84 27.53 -3.09 26.52
C PHE C 84 26.20 -3.80 26.33
N ARG C 85 26.25 -5.00 25.80
CA ARG C 85 25.12 -5.88 25.48
C ARG C 85 25.24 -7.20 26.25
N PRO C 86 24.39 -7.35 27.32
CA PRO C 86 24.51 -8.57 28.16
C PRO C 86 24.45 -9.91 27.43
N PRO C 87 23.58 -10.07 26.40
CA PRO C 87 23.56 -11.34 25.71
C PRO C 87 24.82 -11.69 24.90
N MET C 88 25.61 -10.68 24.54
CA MET C 88 26.88 -10.85 23.86
C MET C 88 28.10 -10.93 24.83
N GLY C 89 27.97 -10.43 26.05
CA GLY C 89 29.09 -10.44 26.98
C GLY C 89 30.12 -9.39 26.70
N GLY C 90 29.72 -8.36 25.96
CA GLY C 90 30.68 -7.41 25.46
C GLY C 90 30.00 -6.29 24.72
N TYR C 91 30.84 -5.40 24.20
CA TYR C 91 30.42 -4.13 23.67
C TYR C 91 30.13 -4.35 22.20
N CYS C 92 29.12 -3.63 21.72
CA CYS C 92 28.70 -3.79 20.32
C CYS C 92 28.50 -2.45 19.73
N ILE C 93 28.72 -2.37 18.43
CA ILE C 93 28.61 -1.17 17.68
C ILE C 93 27.32 -1.33 16.79
N GLU C 94 26.39 -0.43 17.01
CA GLU C 94 25.00 -0.51 16.39
C GLU C 94 24.49 0.80 15.92
N PHE C 95 23.46 0.70 15.07
CA PHE C 95 22.65 1.90 14.88
C PHE C 95 21.87 2.26 16.15
N PRO C 96 21.71 3.55 16.44
CA PRO C 96 20.76 3.96 17.48
C PRO C 96 19.44 3.21 17.24
N ALA C 97 18.88 2.69 18.30
CA ALA C 97 17.74 1.79 18.22
C ALA C 97 16.98 1.72 19.53
N GLY C 98 15.68 1.40 19.45
CA GLY C 98 14.96 1.04 20.66
C GLY C 98 13.55 0.61 20.32
N LEU C 99 12.82 0.21 21.34
CA LEU C 99 11.42 -0.26 21.14
C LEU C 99 10.44 0.89 20.78
N ILE C 100 9.47 0.59 19.92
CA ILE C 100 8.39 1.54 19.55
C ILE C 100 7.36 1.59 20.71
N ASP C 101 7.22 2.74 21.36
CA ASP C 101 6.29 2.91 22.50
C ASP C 101 4.83 2.74 22.06
N ASP C 102 3.97 2.54 23.06
CA ASP C 102 2.51 2.46 22.83
C ASP C 102 2.02 3.78 22.24
N GLY C 103 1.27 3.70 21.16
CA GLY C 103 0.77 4.89 20.46
C GLY C 103 1.71 5.48 19.41
N GLU C 104 3.00 5.15 19.47
CA GLU C 104 4.08 5.87 18.75
C GLU C 104 4.16 5.42 17.33
N THR C 105 4.27 6.34 16.39
CA THR C 105 4.64 6.00 15.04
C THR C 105 6.17 5.53 15.01
N PRO C 106 6.56 4.68 14.04
CA PRO C 106 8.01 4.34 13.97
C PRO C 106 8.86 5.60 13.81
N GLU C 107 8.35 6.58 13.05
CA GLU C 107 9.10 7.79 12.80
C GLU C 107 9.39 8.58 14.09
N ALA C 108 8.40 8.69 14.97
CA ALA C 108 8.50 9.44 16.17
C ALA C 108 9.46 8.67 17.11
N ALA C 109 9.30 7.35 17.16
CA ALA C 109 10.22 6.49 17.93
C ALA C 109 11.69 6.71 17.49
N ALA C 110 11.90 6.82 16.18
CA ALA C 110 13.23 6.94 15.65
C ALA C 110 13.86 8.30 16.06
N LEU C 111 13.09 9.37 15.97
CA LEU C 111 13.60 10.72 16.35
C LEU C 111 13.85 10.79 17.86
N ARG C 112 12.99 10.12 18.61
CA ARG C 112 13.14 10.15 20.07
C ARG C 112 14.36 9.32 20.51
N GLU C 113 14.44 8.07 20.05
CA GLU C 113 15.58 7.17 20.39
C GLU C 113 16.87 7.87 19.93
N LEU C 114 16.83 8.46 18.72
CA LEU C 114 18.04 9.13 18.21
C LEU C 114 18.47 10.27 19.21
N GLU C 115 17.55 11.16 19.53
CA GLU C 115 17.85 12.27 20.45
C GLU C 115 18.35 11.72 21.81
N GLU C 116 17.74 10.65 22.32
CA GLU C 116 18.09 10.14 23.63
C GLU C 116 19.54 9.58 23.66
N GLU C 117 19.86 8.83 22.62
CA GLU C 117 21.03 8.02 22.58
C GLU C 117 22.22 8.78 22.05
N THR C 118 21.99 9.85 21.31
CA THR C 118 23.08 10.62 20.79
C THR C 118 23.03 12.10 21.06
N GLY C 119 21.89 12.67 21.40
CA GLY C 119 21.69 14.11 21.50
C GLY C 119 21.33 14.83 20.23
N TYR C 120 21.42 14.14 19.05
CA TYR C 120 21.13 14.82 17.83
C TYR C 120 19.63 14.99 17.60
N LYS C 121 19.29 16.14 17.12
CA LYS C 121 17.98 16.40 16.59
C LYS C 121 17.97 16.20 15.07
N GLY C 122 17.27 15.18 14.62
CA GLY C 122 17.16 14.84 13.22
C GLY C 122 15.81 15.06 12.54
N ASP C 123 15.77 14.79 11.26
CA ASP C 123 14.62 14.94 10.36
C ASP C 123 14.46 13.60 9.63
N ILE C 124 13.24 13.10 9.56
CA ILE C 124 12.98 11.86 8.86
C ILE C 124 13.27 11.99 7.39
N ALA C 125 14.03 11.04 6.82
CA ALA C 125 14.18 10.92 5.38
C ALA C 125 13.35 9.82 4.76
N GLU C 126 13.31 8.67 5.37
CA GLU C 126 12.64 7.45 4.79
C GLU C 126 12.41 6.44 5.89
N CYS C 127 11.40 5.57 5.73
CA CYS C 127 11.16 4.56 6.72
C CYS C 127 10.80 3.27 5.98
N SER C 128 11.42 2.20 6.40
CA SER C 128 11.25 0.88 5.77
C SER C 128 9.98 0.27 6.24
N PRO C 129 9.54 -0.77 5.51
CA PRO C 129 8.52 -1.66 6.06
C PRO C 129 9.15 -2.43 7.21
N ALA C 130 8.34 -3.17 7.94
CA ALA C 130 8.84 -4.18 8.93
C ALA C 130 9.79 -5.17 8.27
N VAL C 131 11.04 -5.26 8.80
CA VAL C 131 12.05 -6.18 8.26
C VAL C 131 12.51 -7.10 9.39
N CYS C 132 12.83 -8.37 9.07
CA CYS C 132 13.11 -9.38 10.12
C CYS C 132 14.58 -9.25 10.58
N MET C 133 14.80 -9.45 11.85
CA MET C 133 16.16 -9.47 12.47
C MET C 133 16.91 -10.78 12.33
N ASP C 134 16.21 -11.86 12.57
CA ASP C 134 16.87 -13.15 12.50
C ASP C 134 15.79 -14.18 12.36
N PRO C 135 15.29 -14.34 11.11
CA PRO C 135 14.05 -15.05 10.92
C PRO C 135 14.14 -16.58 11.04
N GLY C 136 15.35 -17.15 10.96
CA GLY C 136 15.64 -18.55 11.32
C GLY C 136 15.44 -18.83 12.83
N LEU C 137 15.33 -17.77 13.61
CA LEU C 137 15.31 -17.84 15.05
C LEU C 137 14.25 -17.10 15.79
N SER C 138 13.83 -15.92 15.35
CA SER C 138 12.85 -15.15 16.10
C SER C 138 11.94 -14.48 15.08
N ASN C 139 10.85 -13.98 15.61
CA ASN C 139 9.86 -13.18 14.81
C ASN C 139 10.15 -11.67 14.90
N CYS C 140 11.23 -11.28 15.59
CA CYS C 140 11.57 -9.86 15.85
C CYS C 140 11.69 -9.05 14.56
N THR C 141 11.02 -7.91 14.56
CA THR C 141 11.02 -7.00 13.40
C THR C 141 11.32 -5.55 13.86
N ILE C 142 11.81 -4.80 12.90
CA ILE C 142 12.03 -3.37 13.07
C ILE C 142 11.63 -2.65 11.81
N HIS C 143 11.54 -1.31 11.91
CA HIS C 143 11.56 -0.45 10.79
C HIS C 143 12.97 0.21 10.82
N ILE C 144 13.61 0.24 9.66
CA ILE C 144 14.92 0.87 9.54
C ILE C 144 14.50 2.28 9.05
N VAL C 145 14.82 3.31 9.85
CA VAL C 145 14.43 4.60 9.57
C VAL C 145 15.66 5.48 9.31
N THR C 146 15.76 6.00 8.10
CA THR C 146 16.81 6.91 7.70
C THR C 146 16.52 8.28 8.20
N VAL C 147 17.49 8.94 8.89
CA VAL C 147 17.23 10.27 9.52
C VAL C 147 18.42 11.13 9.20
N THR C 148 18.18 12.32 8.69
CA THR C 148 19.26 13.28 8.37
C THR C 148 19.41 14.15 9.59
N ILE C 149 20.64 14.49 9.92
CA ILE C 149 20.93 15.43 10.98
C ILE C 149 21.70 16.62 10.42
N ASN C 150 21.20 17.82 10.62
CA ASN C 150 21.82 19.04 10.20
C ASN C 150 22.87 19.34 11.27
N GLY C 151 24.07 18.92 11.00
CA GLY C 151 25.21 19.11 11.93
C GLY C 151 25.67 20.52 12.02
N ASP C 152 25.27 21.42 11.16
CA ASP C 152 25.65 22.84 11.27
C ASP C 152 24.63 23.66 12.04
N ASP C 153 23.49 23.09 12.35
CA ASP C 153 22.41 23.86 12.99
C ASP C 153 22.92 24.08 14.40
N ALA C 154 22.77 25.32 14.92
CA ALA C 154 23.28 25.63 16.19
C ALA C 154 22.70 24.66 17.22
N GLU C 155 21.43 24.25 17.04
CA GLU C 155 20.86 23.29 17.97
C GLU C 155 21.57 21.92 18.03
N ASN C 156 22.34 21.54 16.99
CA ASN C 156 23.13 20.34 17.06
C ASN C 156 24.59 20.64 17.39
N ALA C 157 24.88 21.83 17.93
CA ALA C 157 26.29 22.17 18.18
C ALA C 157 26.91 21.34 19.28
N ARG C 158 26.12 21.02 20.29
CA ARG C 158 26.65 20.40 21.49
C ARG C 158 25.80 19.22 21.87
N PRO C 159 25.66 18.23 20.98
CA PRO C 159 24.75 17.14 21.29
C PRO C 159 25.02 16.47 22.64
N LYS C 160 23.97 16.22 23.41
CA LYS C 160 24.09 15.65 24.75
C LYS C 160 23.10 14.52 24.87
N PRO C 161 23.58 13.25 24.83
CA PRO C 161 22.64 12.15 24.99
C PRO C 161 21.92 12.32 26.27
N LYS C 162 20.63 11.96 26.31
CA LYS C 162 19.89 11.84 27.59
C LYS C 162 19.36 10.42 27.66
N PRO C 163 20.21 9.50 28.06
CA PRO C 163 19.79 8.12 28.08
C PRO C 163 18.96 7.80 29.34
N GLY C 164 18.16 6.75 29.23
CA GLY C 164 17.28 6.31 30.30
C GLY C 164 18.09 5.59 31.37
N ASP C 165 17.57 5.54 32.60
CA ASP C 165 18.17 4.69 33.65
C ASP C 165 18.50 3.28 33.11
N GLY C 166 19.70 2.82 33.39
CA GLY C 166 20.17 1.57 32.82
C GLY C 166 20.60 1.59 31.35
N GLU C 167 20.71 2.78 30.74
CA GLU C 167 21.14 2.88 29.34
C GLU C 167 22.43 3.64 29.38
N PHE C 168 23.45 3.05 28.76
CA PHE C 168 24.79 3.58 28.82
C PHE C 168 25.33 3.57 27.40
N VAL C 169 25.64 4.75 26.84
CA VAL C 169 25.88 4.83 25.40
C VAL C 169 27.03 5.70 25.12
N GLU C 170 27.86 5.29 24.15
CA GLU C 170 28.92 6.09 23.66
C GLU C 170 28.61 6.31 22.22
N VAL C 171 28.84 7.51 21.78
CA VAL C 171 28.53 7.88 20.39
C VAL C 171 29.79 7.90 19.62
N ILE C 172 29.71 7.23 18.47
CA ILE C 172 30.80 7.16 17.51
C ILE C 172 30.25 7.54 16.13
N SER C 173 30.73 8.61 15.53
CA SER C 173 30.44 9.02 14.14
C SER C 173 31.56 8.67 13.19
N LEU C 174 31.23 7.93 12.13
CA LEU C 174 32.22 7.49 11.17
C LEU C 174 31.85 7.95 9.75
N PRO C 175 32.83 8.31 8.91
CA PRO C 175 32.53 8.81 7.55
C PRO C 175 31.85 7.73 6.70
N LYS C 176 30.75 8.14 6.05
CA LYS C 176 29.96 7.21 5.29
C LYS C 176 30.87 6.64 4.14
N ASN C 177 31.74 7.51 3.62
CA ASN C 177 32.62 7.12 2.49
C ASN C 177 33.80 6.24 2.85
N ASP C 178 33.97 5.92 4.14
CA ASP C 178 35.00 4.96 4.60
C ASP C 178 34.48 4.02 5.70
N LEU C 179 33.16 3.70 5.68
CA LEU C 179 32.55 3.06 6.82
C LEU C 179 33.15 1.74 7.21
N LEU C 180 33.23 0.83 6.23
CA LEU C 180 33.69 -0.48 6.47
C LEU C 180 35.12 -0.49 7.04
N GLN C 181 36.03 0.21 6.38
CA GLN C 181 37.45 0.27 6.85
C GLN C 181 37.51 0.81 8.28
N ARG C 182 36.77 1.87 8.52
CA ARG C 182 36.68 2.40 9.88
C ARG C 182 36.10 1.47 10.91
N LEU C 183 35.10 0.67 10.51
CA LEU C 183 34.58 -0.30 11.40
C LEU C 183 35.62 -1.41 11.65
N ASP C 184 36.20 -1.91 10.55
CA ASP C 184 37.30 -2.89 10.61
C ASP C 184 38.40 -2.40 11.55
N ALA C 185 38.74 -1.14 11.46
CA ALA C 185 39.76 -0.58 12.37
C ALA C 185 39.38 -0.66 13.86
N LEU C 186 38.15 -0.23 14.25
CA LEU C 186 37.65 -0.39 15.65
C LEU C 186 37.69 -1.78 16.23
N VAL C 187 37.28 -2.70 15.40
CA VAL C 187 37.23 -4.12 15.69
C VAL C 187 38.65 -4.68 15.92
N ALA C 188 39.63 -4.25 15.15
CA ALA C 188 41.03 -4.75 15.32
C ALA C 188 41.66 -4.18 16.60
N GLU C 189 41.24 -2.98 17.00
CA GLU C 189 41.84 -2.31 18.13
C GLU C 189 41.26 -2.73 19.50
N GLU C 190 40.06 -3.33 19.53
CA GLU C 190 39.34 -3.63 20.79
C GLU C 190 38.48 -4.85 20.62
N HIS C 191 38.07 -5.50 21.72
CA HIS C 191 37.10 -6.56 21.57
C HIS C 191 35.73 -5.94 21.59
N LEU C 192 35.21 -5.81 20.38
CA LEU C 192 33.92 -5.26 20.18
C LEU C 192 33.40 -5.87 18.91
N THR C 193 32.08 -5.98 18.87
CA THR C 193 31.37 -6.70 17.79
C THR C 193 30.54 -5.68 17.02
N VAL C 194 30.64 -5.68 15.70
CA VAL C 194 29.74 -4.85 14.85
C VAL C 194 28.40 -5.57 14.61
N ASP C 195 27.31 -4.80 14.66
CA ASP C 195 25.98 -5.30 14.30
C ASP C 195 25.92 -5.71 12.83
N ALA C 196 25.20 -6.78 12.57
CA ALA C 196 25.12 -7.32 11.19
C ALA C 196 24.41 -6.35 10.22
N ARG C 197 23.47 -5.54 10.69
CA ARG C 197 22.88 -4.55 9.78
C ARG C 197 23.77 -3.38 9.48
N VAL C 198 24.51 -2.95 10.49
CA VAL C 198 25.53 -2.00 10.26
C VAL C 198 26.60 -2.48 9.25
N TYR C 199 27.09 -3.70 9.37
CA TYR C 199 28.11 -4.24 8.53
C TYR C 199 27.58 -4.43 7.06
N SER C 200 26.35 -4.86 6.94
CA SER C 200 25.70 -5.03 5.65
C SER C 200 25.62 -3.71 4.98
N TYR C 201 25.21 -2.67 5.75
CA TYR C 201 25.15 -1.33 5.21
C TYR C 201 26.51 -0.87 4.74
N ALA C 202 27.55 -1.05 5.60
CA ALA C 202 28.89 -0.76 5.20
C ALA C 202 29.42 -1.47 3.93
N LEU C 203 29.04 -2.71 3.76
CA LEU C 203 29.56 -3.51 2.60
C LEU C 203 28.92 -2.88 1.32
N ALA C 204 27.61 -2.65 1.37
CA ALA C 204 26.93 -2.07 0.21
C ALA C 204 27.50 -0.70 -0.15
N LEU C 205 27.80 0.16 0.86
CA LEU C 205 28.41 1.40 0.55
C LEU C 205 29.68 1.17 -0.25
N LYS C 206 30.51 0.23 0.21
CA LYS C 206 31.74 -0.10 -0.50
C LYS C 206 31.48 -0.68 -1.93
N HIS C 207 30.44 -1.51 -2.06
CA HIS C 207 30.19 -2.24 -3.32
C HIS C 207 29.45 -1.41 -4.36
N ALA C 208 28.81 -0.33 -3.93
CA ALA C 208 28.05 0.51 -4.88
C ALA C 208 28.93 1.05 -6.00
N LYS D 15 34.96 -1.77 31.62
CA LYS D 15 34.08 -1.07 32.61
C LYS D 15 32.94 -1.99 33.03
N GLN D 16 32.06 -2.40 32.10
CA GLN D 16 30.97 -3.35 32.43
C GLN D 16 31.37 -4.79 32.22
N TYR D 17 30.75 -5.74 32.92
CA TYR D 17 31.11 -7.13 32.76
C TYR D 17 30.03 -8.04 33.23
N ILE D 18 30.07 -9.27 32.75
CA ILE D 18 29.14 -10.35 33.10
C ILE D 18 29.53 -10.90 34.51
N ILE D 19 28.61 -10.83 35.45
CA ILE D 19 28.78 -11.37 36.84
C ILE D 19 28.42 -12.86 36.81
N SER D 20 27.29 -13.21 36.22
CA SER D 20 26.85 -14.59 36.10
C SER D 20 25.71 -14.80 35.10
N GLU D 21 25.50 -16.05 34.69
CA GLU D 21 24.46 -16.46 33.75
C GLU D 21 23.76 -17.79 34.15
N GLU D 22 22.51 -17.69 34.60
CA GLU D 22 21.69 -18.85 34.96
C GLU D 22 20.95 -19.41 33.73
N LEU D 23 21.09 -20.71 33.47
CA LEU D 23 20.26 -21.41 32.46
C LEU D 23 18.83 -21.42 32.94
N ILE D 24 17.89 -20.91 32.12
CA ILE D 24 16.44 -20.90 32.46
C ILE D 24 15.68 -21.95 31.68
N SER D 25 15.97 -22.10 30.40
CA SER D 25 15.33 -23.16 29.60
C SER D 25 16.28 -23.54 28.44
N GLU D 26 16.53 -24.84 28.28
CA GLU D 26 17.32 -25.37 27.15
C GLU D 26 16.31 -26.13 26.29
N GLY D 27 16.72 -26.62 25.13
CA GLY D 27 15.74 -27.11 24.14
C GLY D 27 16.38 -27.83 22.96
N LYS D 28 15.56 -28.31 22.03
CA LYS D 28 16.04 -29.00 20.81
C LYS D 28 17.29 -28.33 20.17
N TRP D 29 17.25 -26.99 20.01
CA TRP D 29 18.32 -26.20 19.36
C TRP D 29 18.56 -24.72 19.82
N VAL D 30 17.77 -24.21 20.79
CA VAL D 30 17.87 -22.85 21.32
C VAL D 30 17.64 -22.91 22.84
N LYS D 31 18.18 -21.92 23.58
CA LYS D 31 18.22 -21.86 25.05
C LYS D 31 18.07 -20.42 25.56
N LEU D 32 17.54 -20.27 26.78
CA LEU D 32 17.24 -18.98 27.39
C LEU D 32 17.98 -18.84 28.74
N GLU D 33 18.29 -17.62 29.18
CA GLU D 33 19.10 -17.35 30.38
C GLU D 33 18.86 -16.00 31.06
N LYS D 34 19.06 -15.96 32.38
CA LYS D 34 19.08 -14.72 33.16
C LYS D 34 20.51 -14.20 33.45
N THR D 35 20.89 -13.14 32.78
CA THR D 35 22.24 -12.65 32.84
C THR D 35 22.37 -11.62 33.91
N THR D 36 23.38 -11.73 34.80
CA THR D 36 23.62 -10.62 35.70
C THR D 36 24.88 -9.89 35.33
N TYR D 37 24.92 -8.57 35.53
CA TYR D 37 26.05 -7.76 35.09
C TYR D 37 26.21 -6.44 35.86
N MET D 38 27.43 -5.92 35.86
CA MET D 38 27.80 -4.67 36.51
C MET D 38 27.78 -3.53 35.49
N ASP D 39 26.92 -2.54 35.71
CA ASP D 39 26.92 -1.33 34.90
C ASP D 39 28.07 -0.41 35.25
N PRO D 40 28.27 0.65 34.47
CA PRO D 40 29.40 1.56 34.74
C PRO D 40 29.39 2.18 36.16
N THR D 41 28.21 2.48 36.68
CA THR D 41 28.01 3.13 37.99
C THR D 41 28.44 2.23 39.17
N GLY D 42 28.53 0.92 38.95
CA GLY D 42 28.78 -0.08 40.00
C GLY D 42 27.53 -0.85 40.45
N LYS D 43 26.42 -0.66 39.77
CA LYS D 43 25.16 -1.32 40.08
C LYS D 43 24.98 -2.64 39.32
N THR D 44 24.39 -3.63 40.00
CA THR D 44 24.06 -4.91 39.39
C THR D 44 22.76 -4.73 38.67
N ARG D 45 22.62 -5.29 37.47
CA ARG D 45 21.31 -5.39 36.81
C ARG D 45 21.22 -6.77 36.22
N THR D 46 20.05 -7.15 35.68
CA THR D 46 19.92 -8.42 34.91
C THR D 46 19.29 -8.23 33.52
N TRP D 47 19.26 -9.30 32.74
CA TRP D 47 18.84 -9.31 31.34
C TRP D 47 18.45 -10.73 30.97
N GLU D 48 17.50 -10.94 30.07
CA GLU D 48 17.22 -12.29 29.52
C GLU D 48 17.81 -12.41 28.13
N SER D 49 18.57 -13.47 27.92
CA SER D 49 19.38 -13.70 26.73
C SER D 49 19.06 -15.07 26.11
N VAL D 50 19.24 -15.15 24.81
CA VAL D 50 19.01 -16.35 24.08
C VAL D 50 20.36 -16.74 23.48
N LYS D 51 20.62 -18.05 23.39
CA LYS D 51 21.80 -18.58 22.70
C LYS D 51 21.38 -19.87 21.99
N ARG D 52 22.01 -20.14 20.87
CA ARG D 52 21.85 -21.38 20.15
C ARG D 52 22.88 -22.39 20.77
N THR D 53 22.67 -23.69 20.55
CA THR D 53 23.45 -24.72 21.26
C THR D 53 24.12 -25.64 20.27
N THR D 54 24.49 -25.09 19.11
CA THR D 54 25.13 -25.82 18.04
C THR D 54 26.49 -25.12 17.78
N ALA D 60 31.96 -18.19 14.89
CA ALA D 60 30.58 -17.72 14.68
C ALA D 60 29.53 -18.88 14.44
N ASP D 61 28.24 -18.62 14.64
CA ASP D 61 27.22 -19.69 14.40
C ASP D 61 27.07 -20.13 12.91
N GLY D 62 27.03 -19.11 12.03
CA GLY D 62 26.77 -19.33 10.60
C GLY D 62 27.46 -18.31 9.69
N VAL D 63 27.03 -18.35 8.41
CA VAL D 63 27.45 -17.44 7.40
C VAL D 63 26.18 -16.92 6.67
N ALA D 64 26.30 -15.72 6.15
CA ALA D 64 25.33 -15.20 5.16
C ALA D 64 26.16 -14.83 4.02
N VAL D 65 25.68 -15.09 2.81
CA VAL D 65 26.40 -14.87 1.60
C VAL D 65 25.72 -13.74 0.83
N ILE D 66 26.53 -12.77 0.47
CA ILE D 66 26.16 -11.74 -0.53
C ILE D 66 26.69 -12.17 -1.90
N PRO D 67 25.79 -12.78 -2.73
CA PRO D 67 26.27 -13.34 -3.99
C PRO D 67 25.95 -12.39 -5.18
N VAL D 68 27.01 -11.83 -5.76
CA VAL D 68 27.00 -10.87 -6.85
C VAL D 68 27.24 -11.68 -8.19
N LEU D 69 26.19 -11.82 -8.95
CA LEU D 69 26.20 -12.57 -10.24
C LEU D 69 26.59 -11.64 -11.40
N GLN D 70 27.76 -11.89 -11.97
CA GLN D 70 28.42 -10.96 -12.90
C GLN D 70 28.47 -11.65 -14.27
N ARG D 71 28.33 -10.90 -15.35
CA ARG D 71 28.40 -11.42 -16.75
C ARG D 71 28.99 -10.24 -17.53
N THR D 72 29.94 -10.45 -18.44
CA THR D 72 30.46 -9.31 -19.22
C THR D 72 29.36 -8.66 -20.04
N LEU D 73 29.44 -7.35 -20.24
CA LEU D 73 28.41 -6.69 -21.04
C LEU D 73 26.97 -6.72 -20.43
N HIS D 74 26.84 -7.09 -19.13
CA HIS D 74 25.52 -7.12 -18.50
C HIS D 74 25.64 -6.43 -17.10
N TYR D 75 24.49 -6.14 -16.49
CA TYR D 75 24.35 -5.46 -15.16
C TYR D 75 24.62 -6.59 -14.16
N GLU D 76 25.10 -6.25 -12.95
CA GLU D 76 25.12 -7.23 -11.83
C GLU D 76 23.77 -7.47 -11.21
N CYS D 77 23.59 -8.69 -10.71
CA CYS D 77 22.45 -9.11 -9.94
C CYS D 77 22.87 -9.69 -8.61
N ILE D 78 21.98 -9.58 -7.62
CA ILE D 78 22.26 -10.07 -6.28
C ILE D 78 21.29 -11.24 -6.12
N VAL D 79 21.85 -12.39 -5.79
CA VAL D 79 21.08 -13.60 -5.74
C VAL D 79 20.52 -13.77 -4.33
N LEU D 80 19.22 -13.84 -4.18
CA LEU D 80 18.57 -13.96 -2.84
C LEU D 80 17.80 -15.25 -2.81
N VAL D 81 17.27 -15.63 -1.63
CA VAL D 81 16.51 -16.87 -1.53
C VAL D 81 15.32 -16.58 -0.73
N LYS D 82 14.22 -17.20 -1.10
CA LYS D 82 13.00 -17.11 -0.29
C LYS D 82 12.71 -18.46 0.23
N GLN D 83 12.25 -18.46 1.47
CA GLN D 83 11.84 -19.69 2.17
C GLN D 83 10.95 -19.35 3.35
N PHE D 84 10.19 -20.34 3.80
CA PHE D 84 9.31 -20.26 4.97
C PHE D 84 10.10 -20.37 6.27
N ARG D 85 9.85 -19.44 7.20
CA ARG D 85 10.60 -19.34 8.43
C ARG D 85 9.61 -19.50 9.57
N PRO D 86 9.63 -20.70 10.21
CA PRO D 86 8.66 -20.93 11.28
C PRO D 86 8.59 -19.91 12.30
N PRO D 87 9.76 -19.35 12.73
CA PRO D 87 9.56 -18.32 13.74
C PRO D 87 8.75 -17.07 13.26
N MET D 88 8.86 -16.75 11.96
CA MET D 88 8.15 -15.59 11.36
C MET D 88 6.73 -15.94 10.93
N GLY D 89 6.40 -17.22 10.87
CA GLY D 89 5.11 -17.58 10.35
C GLY D 89 4.90 -17.30 8.87
N GLY D 90 5.99 -17.07 8.11
CA GLY D 90 5.83 -16.55 6.74
C GLY D 90 7.09 -16.71 5.98
N TYR D 91 7.03 -16.36 4.70
CA TYR D 91 8.12 -16.52 3.81
C TYR D 91 9.00 -15.24 3.96
N CYS D 92 10.34 -15.42 3.92
CA CYS D 92 11.31 -14.37 4.09
C CYS D 92 12.29 -14.36 2.95
N ILE D 93 12.68 -13.16 2.56
CA ILE D 93 13.68 -13.04 1.48
C ILE D 93 14.94 -12.67 2.23
N GLU D 94 15.98 -13.44 1.97
CA GLU D 94 17.26 -13.39 2.69
C GLU D 94 18.40 -13.64 1.78
N PHE D 95 19.59 -13.28 2.26
CA PHE D 95 20.80 -13.69 1.58
C PHE D 95 20.89 -15.22 1.82
N PRO D 96 21.43 -15.93 0.88
CA PRO D 96 21.61 -17.39 1.20
C PRO D 96 22.52 -17.54 2.45
N ALA D 97 22.21 -18.51 3.32
CA ALA D 97 22.88 -18.53 4.64
C ALA D 97 22.79 -19.89 5.20
N GLY D 98 23.69 -20.23 6.14
CA GLY D 98 23.55 -21.52 6.85
C GLY D 98 24.58 -21.65 7.94
N LEU D 99 24.50 -22.70 8.76
CA LEU D 99 25.50 -22.93 9.79
C LEU D 99 26.84 -23.41 9.23
N ILE D 100 27.89 -23.09 9.96
CA ILE D 100 29.23 -23.51 9.63
C ILE D 100 29.30 -24.93 10.22
N ASP D 101 29.81 -25.86 9.40
CA ASP D 101 29.92 -27.30 9.78
C ASP D 101 31.18 -27.41 10.62
N ASP D 102 31.16 -28.24 11.67
CA ASP D 102 32.37 -28.58 12.46
C ASP D 102 33.56 -28.82 11.54
N GLY D 103 34.61 -28.00 11.69
CA GLY D 103 35.84 -28.12 10.89
C GLY D 103 35.98 -27.16 9.72
N GLU D 104 34.87 -26.59 9.28
CA GLU D 104 34.80 -25.83 8.05
C GLU D 104 35.10 -24.36 8.32
N THR D 105 35.81 -23.72 7.42
CA THR D 105 36.10 -22.29 7.55
C THR D 105 34.81 -21.55 7.10
N PRO D 106 34.61 -20.29 7.55
CA PRO D 106 33.49 -19.46 7.02
C PRO D 106 33.44 -19.35 5.46
N GLU D 107 34.58 -19.18 4.83
CA GLU D 107 34.64 -19.08 3.38
C GLU D 107 34.13 -20.36 2.77
N ALA D 108 34.53 -21.50 3.29
CA ALA D 108 34.20 -22.74 2.63
C ALA D 108 32.74 -23.00 2.92
N ALA D 109 32.24 -22.58 4.10
CA ALA D 109 30.82 -22.80 4.32
C ALA D 109 29.98 -21.87 3.35
N ALA D 110 30.48 -20.66 3.11
CA ALA D 110 29.76 -19.72 2.23
C ALA D 110 29.60 -20.36 0.88
N LEU D 111 30.73 -20.81 0.31
CA LEU D 111 30.68 -21.39 -1.03
C LEU D 111 29.78 -22.64 -1.08
N ARG D 112 29.78 -23.41 0.00
CA ARG D 112 28.95 -24.60 0.02
C ARG D 112 27.49 -24.30 0.09
N GLU D 113 27.12 -23.49 1.08
CA GLU D 113 25.71 -23.09 1.32
C GLU D 113 25.14 -22.30 0.07
N LEU D 114 25.95 -21.49 -0.57
CA LEU D 114 25.53 -20.81 -1.84
C LEU D 114 25.25 -21.86 -2.90
N GLU D 115 26.17 -22.81 -3.10
CA GLU D 115 25.90 -23.88 -4.08
C GLU D 115 24.72 -24.75 -3.66
N GLU D 116 24.59 -25.06 -2.38
CA GLU D 116 23.42 -25.78 -1.93
C GLU D 116 22.11 -25.11 -2.22
N GLU D 117 21.97 -23.83 -1.82
CA GLU D 117 20.69 -23.16 -1.80
C GLU D 117 20.39 -22.50 -3.14
N THR D 118 21.38 -22.35 -4.00
CA THR D 118 21.16 -21.69 -5.30
C THR D 118 21.69 -22.40 -6.52
N GLY D 119 22.68 -23.25 -6.35
CA GLY D 119 23.34 -23.96 -7.49
C GLY D 119 24.60 -23.31 -7.98
N TYR D 120 24.81 -22.02 -7.65
CA TYR D 120 25.93 -21.30 -8.21
C TYR D 120 27.23 -21.65 -7.52
N LYS D 121 28.32 -21.55 -8.27
CA LYS D 121 29.68 -21.78 -7.82
C LYS D 121 30.36 -20.44 -7.85
N GLY D 122 30.67 -19.96 -6.64
CA GLY D 122 31.22 -18.63 -6.45
C GLY D 122 32.70 -18.61 -6.27
N ASP D 123 33.21 -17.39 -6.15
CA ASP D 123 34.53 -17.09 -5.84
C ASP D 123 34.41 -16.19 -4.63
N ILE D 124 35.19 -16.50 -3.60
CA ILE D 124 35.28 -15.58 -2.46
C ILE D 124 35.85 -14.22 -2.83
N ALA D 125 35.17 -13.12 -2.44
CA ALA D 125 35.68 -11.77 -2.62
C ALA D 125 36.13 -11.20 -1.27
N GLU D 126 35.40 -11.43 -0.21
CA GLU D 126 35.82 -10.93 1.14
C GLU D 126 34.95 -11.59 2.20
N CYS D 127 35.38 -11.50 3.47
CA CYS D 127 34.69 -12.16 4.57
C CYS D 127 34.76 -11.24 5.79
N SER D 128 33.64 -11.07 6.45
CA SER D 128 33.58 -10.11 7.59
C SER D 128 34.14 -10.81 8.83
N PRO D 129 34.43 -10.04 9.89
CA PRO D 129 34.55 -10.67 11.19
C PRO D 129 33.19 -11.15 11.66
N ALA D 130 33.14 -11.86 12.79
CA ALA D 130 31.90 -12.27 13.34
C ALA D 130 31.08 -11.03 13.73
N VAL D 131 29.82 -10.98 13.25
CA VAL D 131 28.93 -9.82 13.49
C VAL D 131 27.65 -10.32 14.12
N CYS D 132 27.00 -9.49 14.93
CA CYS D 132 25.94 -9.91 15.79
C CYS D 132 24.57 -9.75 15.08
N MET D 133 23.80 -10.81 15.17
CA MET D 133 22.45 -10.83 14.62
C MET D 133 21.44 -9.93 15.33
N ASP D 134 21.43 -9.89 16.65
CA ASP D 134 20.52 -9.09 17.40
C ASP D 134 21.02 -9.01 18.81
N PRO D 135 21.99 -8.09 19.09
CA PRO D 135 22.80 -8.25 20.31
C PRO D 135 22.04 -7.91 21.57
N GLY D 136 20.94 -7.14 21.45
CA GLY D 136 20.08 -6.88 22.59
C GLY D 136 19.26 -8.15 23.01
N LEU D 137 19.32 -9.23 22.24
CA LEU D 137 18.50 -10.40 22.47
C LEU D 137 19.30 -11.64 22.63
N SER D 138 20.20 -11.95 21.69
CA SER D 138 20.86 -13.25 21.59
C SER D 138 22.35 -13.02 21.31
N ASN D 139 23.12 -14.10 21.29
CA ASN D 139 24.57 -13.97 21.19
C ASN D 139 24.92 -14.38 19.79
N CYS D 140 23.90 -14.63 18.94
CA CYS D 140 24.20 -15.28 17.66
C CYS D 140 25.00 -14.30 16.80
N THR D 141 25.94 -14.90 16.05
CA THR D 141 26.79 -14.19 15.13
C THR D 141 26.91 -14.97 13.82
N ILE D 142 27.23 -14.24 12.77
CA ILE D 142 27.62 -14.83 11.51
C ILE D 142 28.83 -14.11 10.96
N HIS D 143 29.41 -14.68 9.94
CA HIS D 143 30.31 -13.95 9.11
C HIS D 143 29.47 -13.65 7.84
N ILE D 144 29.61 -12.42 7.36
CA ILE D 144 29.00 -12.03 6.04
C ILE D 144 30.07 -12.13 5.02
N VAL D 145 29.85 -13.03 4.03
CA VAL D 145 30.81 -13.38 3.05
C VAL D 145 30.31 -12.90 1.70
N THR D 146 31.08 -12.02 1.09
CA THR D 146 30.75 -11.50 -0.24
C THR D 146 31.33 -12.45 -1.29
N VAL D 147 30.51 -12.88 -2.26
CA VAL D 147 30.87 -14.02 -3.19
C VAL D 147 30.51 -13.57 -4.64
N THR D 148 31.48 -13.52 -5.53
CA THR D 148 31.17 -13.19 -6.95
C THR D 148 30.82 -14.48 -7.71
N ILE D 149 29.86 -14.42 -8.62
CA ILE D 149 29.53 -15.62 -9.40
C ILE D 149 29.89 -15.27 -10.82
N ASN D 150 30.66 -16.12 -11.51
CA ASN D 150 31.17 -15.73 -12.86
C ASN D 150 30.12 -16.35 -13.75
N GLY D 151 29.08 -15.56 -14.07
CA GLY D 151 27.96 -16.11 -14.80
C GLY D 151 28.26 -16.41 -16.28
N ASP D 152 29.46 -16.06 -16.76
CA ASP D 152 29.88 -16.50 -18.11
C ASP D 152 30.42 -17.93 -18.12
N ASP D 153 30.71 -18.51 -16.96
CA ASP D 153 31.30 -19.84 -16.93
C ASP D 153 30.13 -20.81 -17.09
N ALA D 154 30.37 -21.87 -17.86
CA ALA D 154 29.36 -22.91 -18.16
C ALA D 154 28.71 -23.49 -16.90
N GLU D 155 29.52 -23.71 -15.85
CA GLU D 155 29.01 -24.30 -14.60
C GLU D 155 27.91 -23.45 -13.95
N ASN D 156 27.94 -22.13 -14.23
CA ASN D 156 26.93 -21.18 -13.75
C ASN D 156 25.92 -20.76 -14.81
N ALA D 157 25.83 -21.49 -15.93
CA ALA D 157 24.92 -21.12 -17.02
C ALA D 157 23.46 -21.15 -16.56
N ARG D 158 23.07 -22.28 -15.97
CA ARG D 158 21.71 -22.49 -15.48
C ARG D 158 21.69 -23.59 -14.44
N PRO D 159 22.40 -23.40 -13.31
CA PRO D 159 22.45 -24.43 -12.25
C PRO D 159 21.13 -24.46 -11.44
N LYS D 160 20.88 -25.61 -10.79
CA LYS D 160 19.74 -25.83 -9.87
C LYS D 160 20.23 -26.13 -8.44
N PRO D 161 19.41 -25.80 -7.43
CA PRO D 161 19.85 -25.99 -6.03
C PRO D 161 19.88 -27.46 -5.64
N LYS D 162 20.76 -27.85 -4.72
CA LYS D 162 20.71 -29.16 -4.02
C LYS D 162 20.40 -28.99 -2.50
N PRO D 163 19.13 -28.88 -2.13
CA PRO D 163 18.88 -28.67 -0.72
C PRO D 163 19.12 -29.91 0.12
N GLY D 164 19.46 -29.68 1.39
CA GLY D 164 19.43 -30.71 2.43
C GLY D 164 17.98 -31.10 2.71
N ASP D 165 17.77 -32.03 3.65
CA ASP D 165 16.44 -32.57 3.92
C ASP D 165 15.78 -31.48 4.74
N GLY D 166 14.50 -31.23 4.45
CA GLY D 166 13.75 -30.16 5.08
C GLY D 166 14.10 -28.70 4.77
N GLU D 167 14.95 -28.46 3.75
CA GLU D 167 15.35 -27.12 3.28
C GLU D 167 14.62 -26.93 1.97
N PHE D 168 13.75 -25.91 1.88
CA PHE D 168 13.01 -25.62 0.63
C PHE D 168 13.23 -24.15 0.31
N VAL D 169 13.94 -23.89 -0.78
CA VAL D 169 14.35 -22.53 -1.14
C VAL D 169 13.90 -22.21 -2.57
N GLU D 170 13.39 -21.00 -2.79
CA GLU D 170 13.25 -20.41 -4.15
C GLU D 170 14.39 -19.40 -4.30
N VAL D 171 15.08 -19.45 -5.41
CA VAL D 171 16.09 -18.47 -5.80
C VAL D 171 15.39 -17.26 -6.46
N ILE D 172 15.84 -16.05 -6.11
CA ILE D 172 15.26 -14.74 -6.60
C ILE D 172 16.45 -13.88 -6.90
N SER D 173 16.81 -13.77 -8.16
CA SER D 173 17.95 -12.93 -8.59
C SER D 173 17.38 -11.56 -8.95
N LEU D 174 17.82 -10.48 -8.30
CA LEU D 174 17.31 -9.09 -8.54
C LEU D 174 18.43 -8.19 -9.02
N PRO D 175 18.08 -7.22 -9.87
CA PRO D 175 19.15 -6.33 -10.31
C PRO D 175 19.68 -5.55 -9.10
N LYS D 176 20.98 -5.54 -8.97
CA LYS D 176 21.74 -4.81 -7.95
C LYS D 176 21.31 -3.31 -7.99
N ASN D 177 21.25 -2.79 -9.21
CA ASN D 177 20.96 -1.41 -9.51
C ASN D 177 19.58 -0.87 -9.08
N ASP D 178 18.62 -1.75 -8.80
CA ASP D 178 17.35 -1.31 -8.39
C ASP D 178 16.90 -2.15 -7.29
N LEU D 179 17.86 -2.65 -6.47
CA LEU D 179 17.48 -3.61 -5.42
C LEU D 179 16.42 -3.14 -4.49
N LEU D 180 16.58 -1.94 -3.91
CA LEU D 180 15.70 -1.49 -2.92
C LEU D 180 14.24 -1.37 -3.47
N GLN D 181 14.13 -0.83 -4.69
CA GLN D 181 12.77 -0.62 -5.28
C GLN D 181 12.11 -1.99 -5.49
N ARG D 182 12.90 -2.92 -6.02
CA ARG D 182 12.40 -4.27 -6.30
C ARG D 182 11.96 -4.93 -5.05
N LEU D 183 12.76 -4.83 -3.97
CA LEU D 183 12.30 -5.30 -2.64
C LEU D 183 11.06 -4.71 -2.15
N ASP D 184 10.97 -3.38 -2.25
CA ASP D 184 9.77 -2.72 -1.75
C ASP D 184 8.58 -3.20 -2.62
N ALA D 185 8.77 -3.39 -3.93
CA ALA D 185 7.66 -3.87 -4.82
C ALA D 185 7.12 -5.24 -4.36
N LEU D 186 8.05 -6.16 -4.05
CA LEU D 186 7.66 -7.49 -3.54
C LEU D 186 6.85 -7.40 -2.30
N VAL D 187 7.21 -6.51 -1.40
CA VAL D 187 6.59 -6.38 -0.12
C VAL D 187 5.20 -5.76 -0.25
N ALA D 188 5.01 -4.99 -1.33
CA ALA D 188 3.77 -4.27 -1.49
C ALA D 188 2.74 -5.28 -2.06
N GLU D 189 3.27 -6.31 -2.75
CA GLU D 189 2.43 -7.25 -3.52
C GLU D 189 2.24 -8.61 -2.88
N GLU D 190 3.27 -9.12 -2.17
CA GLU D 190 3.22 -10.49 -1.70
C GLU D 190 3.37 -10.60 -0.18
N HIS D 191 2.86 -11.71 0.35
CA HIS D 191 2.86 -12.05 1.72
C HIS D 191 4.30 -12.50 1.97
N LEU D 192 5.20 -11.54 2.29
CA LEU D 192 6.54 -11.95 2.71
C LEU D 192 7.18 -10.81 3.47
N THR D 193 8.35 -11.11 4.04
CA THR D 193 9.18 -10.17 4.77
C THR D 193 10.63 -10.19 4.23
N VAL D 194 11.21 -8.99 4.12
CA VAL D 194 12.58 -8.87 3.67
C VAL D 194 13.41 -8.88 4.92
N ASP D 195 14.57 -9.48 4.80
CA ASP D 195 15.46 -9.54 5.96
C ASP D 195 16.08 -8.16 6.11
N ALA D 196 16.31 -7.79 7.35
CA ALA D 196 16.95 -6.49 7.67
C ALA D 196 18.34 -6.26 7.15
N ARG D 197 19.15 -7.31 7.06
N ARG D 197 19.16 -7.31 7.07
CA ARG D 197 20.48 -7.20 6.47
CA ARG D 197 20.48 -7.18 6.45
C ARG D 197 20.40 -7.00 4.95
C ARG D 197 20.33 -6.92 4.97
N VAL D 198 19.46 -7.68 4.29
CA VAL D 198 19.22 -7.45 2.86
C VAL D 198 18.72 -5.97 2.59
N TYR D 199 17.81 -5.54 3.42
CA TYR D 199 17.27 -4.25 3.31
C TYR D 199 18.30 -3.18 3.61
N SER D 200 19.14 -3.43 4.60
CA SER D 200 20.22 -2.45 4.91
C SER D 200 21.16 -2.36 3.79
N TYR D 201 21.54 -3.49 3.19
CA TYR D 201 22.37 -3.52 2.00
C TYR D 201 21.75 -2.69 0.90
N ALA D 202 20.48 -2.96 0.60
CA ALA D 202 19.80 -2.27 -0.50
C ALA D 202 19.71 -0.71 -0.23
N LEU D 203 19.36 -0.35 0.99
CA LEU D 203 19.46 1.09 1.45
C LEU D 203 20.77 1.74 1.13
N ALA D 204 21.85 1.10 1.59
CA ALA D 204 23.19 1.59 1.34
C ALA D 204 23.57 1.70 -0.14
N LEU D 205 23.05 0.85 -1.03
CA LEU D 205 23.32 1.07 -2.45
C LEU D 205 22.74 2.41 -3.01
N LYS D 206 21.66 2.87 -2.40
CA LYS D 206 21.09 4.12 -2.73
C LYS D 206 21.86 5.24 -2.01
N HIS D 207 22.24 5.00 -0.78
CA HIS D 207 22.86 6.08 0.02
C HIS D 207 24.26 6.41 -0.31
N ALA D 208 24.95 5.44 -0.92
CA ALA D 208 26.31 5.65 -1.34
C ALA D 208 26.51 6.86 -2.24
N ASN D 209 27.63 7.55 -2.06
CA ASN D 209 28.07 8.65 -2.95
C ASN D 209 27.10 9.83 -3.05
MG MG E . -15.32 -0.67 -21.70
MG MG F . -15.41 -3.30 -23.54
CL CL G . -13.97 9.56 7.66
N1 K2V H . -28.59 20.89 -15.79
C4 K2V H . -32.37 23.78 -14.42
C5 K2V H . -30.96 23.59 -14.49
C6 K2V H . -30.13 24.52 -13.80
C7 K2V H . -30.72 25.60 -13.08
C8 K2V H . -30.40 22.48 -15.29
C10 K2V H . -29.32 20.48 -16.86
N K2V H . -32.74 28.08 -13.31
C K2V H . -32.18 27.31 -11.02
C1 K2V H . -32.83 26.94 -12.37
C11 K2V H . -31.07 21.95 -16.44
C2 K2V H . -32.13 25.75 -13.05
C3 K2V H . -32.93 24.83 -13.72
C9 K2V H . -29.14 21.89 -15.02
N2 K2V H . -30.55 20.96 -17.22
C1 EDO I . -21.74 4.02 -19.29
O1 EDO I . -21.56 4.38 -17.92
C2 EDO I . -23.14 3.45 -19.43
O2 EDO I . -22.98 2.03 -19.42
C1 EDO J . -17.10 14.32 17.54
O1 EDO J . -17.21 15.27 16.47
C2 EDO J . -18.22 14.56 18.56
O2 EDO J . -19.51 14.19 17.99
MG MG K . -27.39 19.34 -5.53
MG MG L . -27.43 22.30 -4.23
N1 K2V M . -19.97 7.94 -28.86
C4 K2V M . -19.78 3.11 -29.74
C5 K2V M . -19.17 4.40 -29.90
C6 K2V M . -18.19 4.58 -30.92
C7 K2V M . -17.86 3.54 -31.76
C8 K2V M . -19.63 5.54 -29.10
C10 K2V M . -20.43 7.67 -27.62
N K2V M . -19.14 0.22 -32.74
C K2V M . -16.80 0.47 -31.84
C1 K2V M . -18.00 1.17 -32.53
C11 K2V M . -20.14 5.37 -27.79
C2 K2V M . -18.45 2.28 -31.61
C3 K2V M . -19.42 2.06 -30.58
C9 K2V M . -19.57 6.87 -29.58
N2 K2V M . -20.54 6.42 -27.04
C1 EDO N . 17.66 21.59 11.96
O1 EDO N . 18.22 20.60 12.87
C2 EDO N . 16.49 21.07 11.11
O2 EDO N . 15.41 20.44 11.83
MG MG O . 17.04 2.03 23.54
MG MG P . 18.71 1.57 22.35
MG MG Q . 19.90 -21.71 4.71
MG MG R . 20.66 -23.44 5.56
#